data_7E2P
#
_entry.id   7E2P
#
_cell.length_a   142.221
_cell.length_b   142.221
_cell.length_c   107.422
_cell.angle_alpha   90.000
_cell.angle_beta   90.000
_cell.angle_gamma   90.000
#
_symmetry.space_group_name_H-M   'I 4'
#
loop_
_entity.id
_entity.type
_entity.pdbx_description
1 polymer Enolase
2 water water
#
_entity_poly.entity_id   1
_entity_poly.type   'polypeptide(L)'
_entity_poly.pdbx_seq_one_letter_code
;MPIIERIQAREILDSRGNPTVQVEVTTDYEITGVANVPSGASTGSREALELRDKGTKYEGNWFGGKGVMTAVDNVNEKIA
PELIGMSVFDQRAIDKLMIELDGTATKSKLGANAILGVSLAVARAAATELGMPLYRYIGGANAHTLPLPMLNVLNGGEHA
SNTVDFQEFMIMPVGAKSLREALQMANKVFHNLAKLLKKAGYGTQVGDEGGFAPNCKSHEEVLDYLVEAIKVAGYTPATS
GKNAIAIALDAACSELYDENSKKYTFKKLKQAIAEKRSGFEHLDNVKLEYTTDELIEYFGKLIDKYPIISIEDGLAESDW
EGFAKMTAKFGSKVQIVGDDLTVTNPKLLEKAIEQKSMNAILIKLNQIGSLSETMDAINKAQKANMACVVSHRSGETEDT
TIADLAVAFNTGQIKTGSMSRTDRIAKYNRLLVIEEELGEQSEFEGSKAFYNIKLEHHHHHH
;
_entity_poly.pdbx_strand_id   A,B
#
# COMPACT_ATOMS: atom_id res chain seq x y z
N PRO A 2 3.93 8.19 33.07
CA PRO A 2 3.98 9.37 32.19
C PRO A 2 5.40 9.85 31.86
N ILE A 3 6.41 9.34 32.55
CA ILE A 3 7.78 9.80 32.38
C ILE A 3 8.39 9.05 31.20
N ILE A 4 9.07 9.76 30.30
CA ILE A 4 9.71 9.07 29.18
C ILE A 4 10.90 8.28 29.72
N GLU A 5 10.92 6.98 29.45
CA GLU A 5 11.99 6.10 29.90
C GLU A 5 12.96 5.70 28.81
N ARG A 6 12.49 5.61 27.57
CA ARG A 6 13.34 5.15 26.48
C ARG A 6 12.78 5.73 25.19
N ILE A 7 13.69 6.12 24.29
CA ILE A 7 13.31 6.54 22.94
C ILE A 7 14.22 5.77 21.98
N GLN A 8 13.64 5.06 21.01
CA GLN A 8 14.41 4.28 20.04
C GLN A 8 13.94 4.58 18.63
N ALA A 9 14.85 5.08 17.79
CA ALA A 9 14.56 5.26 16.37
C ALA A 9 15.13 4.09 15.58
N ARG A 10 14.50 3.78 14.44
CA ARG A 10 15.03 2.75 13.54
C ARG A 10 14.69 3.12 12.10
N GLU A 11 15.37 2.47 11.15
CA GLU A 11 15.14 2.72 9.73
C GLU A 11 14.18 1.66 9.15
N ILE A 12 13.06 2.11 8.56
CA ILE A 12 12.06 1.24 7.92
C ILE A 12 11.89 1.72 6.48
N LEU A 13 10.93 1.18 5.74
CA LEU A 13 10.73 1.57 4.35
C LEU A 13 9.34 2.16 4.16
N ASP A 14 9.25 3.11 3.22
CA ASP A 14 7.98 3.75 2.85
C ASP A 14 7.38 3.06 1.62
N SER A 15 6.23 3.56 1.19
CA SER A 15 5.41 2.91 0.18
C SER A 15 6.00 3.03 -1.22
N ARG A 16 7.03 3.86 -1.42
CA ARG A 16 7.75 3.94 -2.70
C ARG A 16 9.01 3.08 -2.67
N GLY A 17 9.25 2.36 -1.56
CA GLY A 17 10.46 1.53 -1.47
C GLY A 17 11.69 2.30 -1.06
N ASN A 18 11.53 3.45 -0.39
CA ASN A 18 12.70 4.23 0.06
C ASN A 18 12.70 4.30 1.60
N PRO A 19 13.86 4.46 2.22
CA PRO A 19 13.93 4.46 3.70
C PRO A 19 13.21 5.64 4.35
N THR A 20 12.65 5.38 5.53
CA THR A 20 12.20 6.49 6.37
C THR A 20 12.35 6.11 7.83
N VAL A 21 12.01 7.07 8.71
CA VAL A 21 12.24 6.97 10.16
C VAL A 21 11.00 6.40 10.87
N GLN A 22 11.20 5.45 11.77
CA GLN A 22 10.20 5.07 12.77
C GLN A 22 10.78 5.36 14.14
N VAL A 23 9.97 5.90 15.07
CA VAL A 23 10.39 6.11 16.46
C VAL A 23 9.43 5.44 17.42
N GLU A 24 10.00 4.80 18.45
CA GLU A 24 9.24 4.15 19.52
C GLU A 24 9.59 4.84 20.85
N VAL A 25 8.57 5.32 21.56
CA VAL A 25 8.73 6.01 22.85
C VAL A 25 8.11 5.09 23.90
N THR A 26 8.84 4.84 25.01
CA THR A 26 8.34 3.97 26.08
C THR A 26 8.30 4.75 27.40
N THR A 27 7.18 4.67 28.13
CA THR A 27 7.09 5.41 29.39
C THR A 27 7.45 4.55 30.59
N ASP A 28 7.62 5.26 31.73
CA ASP A 28 7.37 4.87 33.14
C ASP A 28 6.57 3.58 33.31
N TYR A 29 5.43 3.54 32.64
CA TYR A 29 4.43 2.49 32.82
C TYR A 29 4.56 1.40 31.78
N GLU A 30 5.67 1.36 31.04
CA GLU A 30 5.88 0.35 30.01
C GLU A 30 4.84 0.48 28.90
N ILE A 31 4.33 1.68 28.69
CA ILE A 31 3.44 1.94 27.57
C ILE A 31 4.31 2.43 26.41
N THR A 32 4.03 1.99 25.17
CA THR A 32 4.83 2.47 24.05
C THR A 32 3.95 3.13 23.00
N GLY A 33 4.48 4.17 22.36
CA GLY A 33 3.85 4.76 21.19
C GLY A 33 4.84 4.63 20.05
N VAL A 34 4.34 4.32 18.85
CA VAL A 34 5.19 4.18 17.66
C VAL A 34 4.68 5.09 16.57
N ALA A 35 5.60 5.80 15.89
CA ALA A 35 5.19 6.67 14.78
C ALA A 35 6.19 6.60 13.64
N ASN A 36 5.70 6.82 12.40
CA ASN A 36 6.53 6.84 11.20
C ASN A 36 6.41 8.18 10.51
N VAL A 37 7.46 8.54 9.78
CA VAL A 37 7.56 9.82 9.10
C VAL A 37 7.34 9.61 7.60
N PRO A 38 6.43 10.35 6.97
CA PRO A 38 6.22 10.27 5.51
C PRO A 38 7.27 11.09 4.78
N SER A 39 7.25 10.99 3.44
CA SER A 39 8.25 11.72 2.68
C SER A 39 7.70 12.12 1.32
N GLY A 40 8.04 13.34 0.85
CA GLY A 40 7.52 13.81 -0.42
C GLY A 40 8.59 13.90 -1.49
N GLU A 47 10.75 25.32 3.77
CA GLU A 47 10.22 24.00 4.18
C GLU A 47 11.24 23.15 4.96
N ALA A 48 10.81 22.43 6.00
CA ALA A 48 11.77 21.78 6.89
C ALA A 48 12.50 20.64 6.18
N LEU A 49 13.76 20.46 6.54
CA LEU A 49 14.65 19.63 5.75
C LEU A 49 14.62 18.19 6.24
N GLU A 50 14.30 17.26 5.34
CA GLU A 50 14.45 15.84 5.61
C GLU A 50 15.91 15.43 5.36
N LEU A 51 16.52 14.78 6.34
CA LEU A 51 17.94 14.47 6.30
C LEU A 51 18.14 13.04 5.80
N ARG A 52 18.95 12.89 4.75
CA ARG A 52 19.23 11.57 4.20
C ARG A 52 20.73 11.34 4.25
N ASP A 53 21.17 10.21 3.68
CA ASP A 53 22.50 9.67 4.01
C ASP A 53 23.55 9.96 2.95
N LYS A 54 23.24 10.70 1.89
CA LYS A 54 24.30 11.07 0.95
C LYS A 54 25.43 11.81 1.67
N GLY A 55 26.67 11.49 1.28
CA GLY A 55 27.84 12.10 1.87
C GLY A 55 28.28 11.52 3.19
N THR A 56 27.55 10.54 3.72
CA THR A 56 27.88 9.90 4.99
C THR A 56 28.34 8.47 4.77
N LYS A 57 28.79 7.87 5.88
CA LYS A 57 29.19 6.47 5.88
C LYS A 57 28.06 5.55 5.48
N TYR A 58 26.82 6.02 5.52
CA TYR A 58 25.67 5.19 5.25
C TYR A 58 25.19 5.28 3.80
N GLU A 59 25.85 6.06 2.94
CA GLU A 59 25.29 6.37 1.63
C GLU A 59 25.04 5.12 0.80
N GLY A 60 25.93 4.12 0.89
CA GLY A 60 25.80 2.93 0.08
C GLY A 60 24.72 1.93 0.49
N ASN A 61 24.03 2.18 1.61
CA ASN A 61 23.10 1.18 2.12
C ASN A 61 21.94 0.95 1.17
N TRP A 62 21.42 2.02 0.54
CA TRP A 62 20.17 1.98 -0.22
C TRP A 62 20.32 2.78 -1.51
N PHE A 63 19.48 2.45 -2.49
CA PHE A 63 19.51 3.14 -3.78
C PHE A 63 19.48 4.65 -3.62
N GLY A 64 20.31 5.32 -4.44
CA GLY A 64 20.26 6.78 -4.46
C GLY A 64 20.79 7.45 -3.21
N GLY A 65 21.42 6.72 -2.31
CA GLY A 65 21.84 7.30 -1.04
C GLY A 65 20.68 7.78 -0.17
N LYS A 66 19.53 7.11 -0.27
CA LYS A 66 18.33 7.61 0.38
C LYS A 66 18.15 7.08 1.81
N GLY A 67 19.16 6.42 2.40
CA GLY A 67 19.03 6.00 3.79
C GLY A 67 18.78 7.16 4.74
N VAL A 68 18.21 6.84 5.92
CA VAL A 68 17.98 7.85 6.96
C VAL A 68 18.69 7.46 8.25
N MET A 69 19.78 6.69 8.17
CA MET A 69 20.43 6.32 9.44
C MET A 69 21.07 7.51 10.13
N THR A 70 21.47 8.54 9.39
CA THR A 70 21.96 9.76 10.04
C THR A 70 20.87 10.36 10.93
N ALA A 71 19.63 10.46 10.41
CA ALA A 71 18.53 10.95 11.22
C ALA A 71 18.24 9.99 12.40
N VAL A 72 18.33 8.69 12.15
CA VAL A 72 18.11 7.72 13.21
C VAL A 72 19.12 7.91 14.34
N ASP A 73 20.40 8.09 13.97
CA ASP A 73 21.42 8.33 14.98
C ASP A 73 21.16 9.63 15.73
N ASN A 74 20.67 10.65 15.02
CA ASN A 74 20.36 11.90 15.68
C ASN A 74 19.26 11.72 16.72
N VAL A 75 18.24 10.89 16.43
CA VAL A 75 17.25 10.61 17.48
C VAL A 75 17.90 9.90 18.65
N ASN A 76 18.64 8.81 18.37
CA ASN A 76 19.08 7.94 19.46
C ASN A 76 20.17 8.59 20.31
N GLU A 77 21.03 9.37 19.68
CA GLU A 77 22.24 9.88 20.33
C GLU A 77 22.15 11.33 20.79
N LYS A 78 21.35 12.16 20.12
CA LYS A 78 21.23 13.59 20.44
C LYS A 78 19.91 13.96 21.08
N ILE A 79 18.78 13.53 20.51
CA ILE A 79 17.49 13.92 21.06
C ILE A 79 17.15 13.12 22.30
N ALA A 80 17.26 11.78 22.22
CA ALA A 80 16.75 10.95 23.30
C ALA A 80 17.34 11.29 24.67
N PRO A 81 18.65 11.53 24.80
CA PRO A 81 19.17 11.87 26.14
C PRO A 81 18.59 13.15 26.71
N GLU A 82 18.19 14.10 25.85
CA GLU A 82 17.61 15.34 26.34
C GLU A 82 16.19 15.19 26.85
N LEU A 83 15.46 14.18 26.38
CA LEU A 83 14.04 14.02 26.70
C LEU A 83 13.76 12.98 27.79
N ILE A 84 14.66 12.03 28.03
CA ILE A 84 14.44 11.04 29.08
C ILE A 84 14.18 11.75 30.39
N GLY A 85 13.10 11.38 31.06
CA GLY A 85 12.72 12.00 32.31
C GLY A 85 11.64 13.06 32.22
N MET A 86 11.35 13.58 31.03
CA MET A 86 10.26 14.53 30.88
C MET A 86 8.93 13.80 30.87
N SER A 87 7.87 14.53 31.19
CA SER A 87 6.52 13.97 31.11
C SER A 87 6.05 13.89 29.67
N VAL A 88 5.52 12.73 29.31
CA VAL A 88 5.09 12.47 27.96
C VAL A 88 3.88 13.34 27.59
N PHE A 89 3.18 13.93 28.58
CA PHE A 89 2.02 14.77 28.33
C PHE A 89 2.38 16.21 27.94
N ASP A 90 3.61 16.66 28.17
CA ASP A 90 3.97 18.05 27.86
C ASP A 90 4.44 18.18 26.40
N GLN A 91 3.48 18.00 25.49
CA GLN A 91 3.80 17.97 24.07
C GLN A 91 4.51 19.23 23.63
N ARG A 92 3.97 20.38 24.03
CA ARG A 92 4.56 21.64 23.57
C ARG A 92 5.98 21.84 24.11
N ALA A 93 6.23 21.44 25.38
CA ALA A 93 7.57 21.59 25.95
C ALA A 93 8.57 20.66 25.27
N ILE A 94 8.14 19.44 24.94
CA ILE A 94 9.05 18.51 24.25
C ILE A 94 9.37 19.00 22.85
N ASP A 95 8.36 19.46 22.12
CA ASP A 95 8.62 19.98 20.78
C ASP A 95 9.52 21.20 20.84
N LYS A 96 9.29 22.10 21.81
CA LYS A 96 10.16 23.28 21.91
C LYS A 96 11.59 22.88 22.20
N LEU A 97 11.80 21.89 23.07
CA LEU A 97 13.16 21.48 23.39
C LEU A 97 13.89 21.00 22.13
N MET A 98 13.21 20.21 21.30
CA MET A 98 13.85 19.69 20.08
C MET A 98 14.12 20.82 19.08
N ILE A 99 13.17 21.74 18.95
CA ILE A 99 13.34 22.86 18.03
C ILE A 99 14.55 23.68 18.43
N GLU A 100 14.71 23.93 19.73
CA GLU A 100 15.85 24.72 20.19
C GLU A 100 17.15 23.93 20.14
N LEU A 101 17.11 22.62 20.43
CA LEU A 101 18.32 21.80 20.30
C LEU A 101 18.87 21.83 18.87
N ASP A 102 17.99 21.80 17.88
CA ASP A 102 18.41 21.94 16.49
C ASP A 102 18.85 23.37 16.17
N GLY A 103 18.03 24.35 16.54
CA GLY A 103 18.49 25.74 16.50
C GLY A 103 18.45 26.42 15.15
N THR A 104 18.01 25.73 14.09
CA THR A 104 17.90 26.31 12.75
C THR A 104 16.44 26.40 12.33
N ALA A 105 16.15 27.33 11.42
CA ALA A 105 14.76 27.54 11.02
C ALA A 105 14.18 26.32 10.32
N THR A 106 14.99 25.66 9.49
CA THR A 106 14.50 24.53 8.70
C THR A 106 14.81 23.16 9.32
N LYS A 107 15.22 23.12 10.60
CA LYS A 107 15.52 21.84 11.28
C LYS A 107 16.61 21.07 10.53
N SER A 108 17.57 21.81 9.98
CA SER A 108 18.54 21.17 9.11
C SER A 108 19.68 20.49 9.87
N LYS A 109 19.77 20.70 11.19
CA LYS A 109 20.87 20.11 11.97
C LYS A 109 20.53 18.70 12.43
N LEU A 110 19.36 18.51 13.07
CA LEU A 110 18.89 17.19 13.50
C LEU A 110 18.10 16.48 12.41
N GLY A 111 17.49 17.23 11.52
CA GLY A 111 16.58 16.68 10.52
C GLY A 111 15.12 16.80 10.92
N ALA A 112 14.28 17.30 10.01
CA ALA A 112 12.85 17.33 10.30
C ALA A 112 12.29 15.95 10.53
N ASN A 113 12.89 14.94 9.87
CA ASN A 113 12.39 13.58 10.03
C ASN A 113 12.77 12.98 11.38
N ALA A 114 13.93 13.34 11.93
CA ALA A 114 14.23 12.97 13.30
C ALA A 114 13.27 13.62 14.28
N ILE A 115 13.07 14.95 14.16
CA ILE A 115 12.22 15.65 15.12
C ILE A 115 10.76 15.20 15.02
N LEU A 116 10.18 15.13 13.79
CA LEU A 116 8.76 14.76 13.70
C LEU A 116 8.52 13.35 14.21
N GLY A 117 9.45 12.42 13.91
CA GLY A 117 9.25 11.07 14.41
C GLY A 117 9.08 11.02 15.92
N VAL A 118 9.96 11.70 16.65
CA VAL A 118 9.83 11.76 18.11
C VAL A 118 8.55 12.48 18.51
N SER A 119 8.26 13.62 17.88
CA SER A 119 7.07 14.39 18.23
C SER A 119 5.81 13.54 18.19
N LEU A 120 5.64 12.78 17.11
CA LEU A 120 4.42 12.00 16.96
C LEU A 120 4.43 10.79 17.87
N ALA A 121 5.59 10.15 18.06
CA ALA A 121 5.62 8.97 18.94
C ALA A 121 5.31 9.34 20.40
N VAL A 122 5.78 10.51 20.84
CA VAL A 122 5.42 10.98 22.17
C VAL A 122 3.90 11.14 22.31
N ALA A 123 3.28 11.77 21.33
CA ALA A 123 1.83 11.98 21.42
C ALA A 123 1.09 10.66 21.45
N ARG A 124 1.53 9.70 20.62
CA ARG A 124 0.87 8.40 20.61
C ARG A 124 1.06 7.65 21.92
N ALA A 125 2.26 7.78 22.52
CA ALA A 125 2.50 7.13 23.82
C ALA A 125 1.60 7.74 24.90
N ALA A 126 1.47 9.06 24.89
CA ALA A 126 0.64 9.75 25.88
C ALA A 126 -0.82 9.32 25.76
N ALA A 127 -1.34 9.34 24.53
CA ALA A 127 -2.73 8.93 24.34
C ALA A 127 -2.95 7.49 24.82
N THR A 128 -2.03 6.60 24.48
CA THR A 128 -2.19 5.20 24.88
C THR A 128 -2.08 5.02 26.41
N GLU A 129 -1.19 5.78 27.04
CA GLU A 129 -1.10 5.67 28.49
C GLU A 129 -2.39 6.13 29.18
N LEU A 130 -3.06 7.14 28.61
CA LEU A 130 -4.32 7.61 29.19
C LEU A 130 -5.49 6.73 28.83
N GLY A 131 -5.33 5.84 27.85
CA GLY A 131 -6.47 5.05 27.39
C GLY A 131 -7.40 5.85 26.50
N MET A 132 -6.92 6.93 25.94
CA MET A 132 -7.75 7.88 25.18
C MET A 132 -7.46 7.77 23.68
N PRO A 133 -8.49 7.83 22.83
CA PRO A 133 -8.24 7.83 21.37
C PRO A 133 -7.34 8.99 20.99
N LEU A 134 -6.49 8.77 20.01
CA LEU A 134 -5.52 9.81 19.67
C LEU A 134 -6.21 11.12 19.25
N TYR A 135 -7.33 11.04 18.49
CA TYR A 135 -8.00 12.28 18.08
C TYR A 135 -8.50 13.07 19.30
N ARG A 136 -8.93 12.37 20.38
CA ARG A 136 -9.36 13.06 21.59
C ARG A 136 -8.18 13.67 22.34
N TYR A 137 -7.04 12.97 22.34
CA TYR A 137 -5.87 13.51 23.03
C TYR A 137 -5.41 14.80 22.36
N ILE A 138 -5.38 14.80 21.01
CA ILE A 138 -4.88 15.96 20.27
C ILE A 138 -5.90 17.10 20.30
N GLY A 139 -7.19 16.79 20.09
CA GLY A 139 -8.21 17.82 19.90
C GLY A 139 -9.22 18.03 21.01
N GLY A 140 -9.22 17.22 22.06
CA GLY A 140 -10.13 17.47 23.16
C GLY A 140 -11.49 16.78 23.00
N ALA A 141 -12.36 17.11 23.94
CA ALA A 141 -13.65 16.40 24.09
C ALA A 141 -14.57 16.56 22.89
N ASN A 142 -14.40 17.62 22.08
CA ASN A 142 -15.31 17.83 20.97
C ASN A 142 -14.70 17.44 19.63
N ALA A 143 -13.59 16.69 19.63
CA ALA A 143 -13.06 16.10 18.40
C ALA A 143 -14.04 15.03 17.94
N HIS A 144 -14.84 15.34 16.89
CA HIS A 144 -15.92 14.43 16.52
C HIS A 144 -16.31 14.46 15.04
N THR A 145 -15.68 15.24 14.19
CA THR A 145 -16.21 15.45 12.84
C THR A 145 -15.31 14.68 11.86
N LEU A 146 -15.92 13.73 11.07
CA LEU A 146 -15.15 12.96 10.10
C LEU A 146 -14.95 13.84 8.87
N PRO A 147 -13.81 13.75 8.22
CA PRO A 147 -13.53 14.63 7.06
C PRO A 147 -14.10 14.10 5.75
N LEU A 148 -14.51 15.03 4.91
CA LEU A 148 -14.83 14.72 3.50
C LEU A 148 -13.53 14.48 2.75
N PRO A 149 -13.31 13.30 2.17
CA PRO A 149 -12.06 13.02 1.49
C PRO A 149 -12.06 13.54 0.06
N MET A 150 -10.88 14.00 -0.41
CA MET A 150 -10.68 14.25 -1.84
C MET A 150 -9.69 13.20 -2.31
N LEU A 151 -10.11 12.37 -3.29
CA LEU A 151 -9.39 11.14 -3.70
C LEU A 151 -8.79 11.28 -5.10
N ASN A 152 -7.46 11.11 -5.20
CA ASN A 152 -6.71 11.39 -6.44
C ASN A 152 -6.73 10.18 -7.38
N VAL A 153 -7.85 10.03 -8.09
CA VAL A 153 -8.07 8.86 -8.95
C VAL A 153 -7.50 8.98 -10.36
N LEU A 154 -7.28 10.20 -10.88
CA LEU A 154 -6.63 10.35 -12.19
C LEU A 154 -5.46 11.30 -12.04
N ASN A 155 -4.36 11.03 -12.76
CA ASN A 155 -3.08 11.64 -12.41
C ASN A 155 -2.38 12.17 -13.65
N GLY A 156 -1.68 13.29 -13.46
CA GLY A 156 -0.79 13.82 -14.49
C GLY A 156 0.46 14.43 -13.89
N GLY A 157 1.01 15.44 -14.54
CA GLY A 157 2.05 16.22 -13.93
C GLY A 157 3.44 15.64 -14.16
N GLU A 158 4.38 16.14 -13.36
CA GLU A 158 5.79 15.91 -13.64
C GLU A 158 6.15 14.43 -13.59
N HIS A 159 5.52 13.67 -12.69
CA HIS A 159 5.91 12.28 -12.50
C HIS A 159 5.16 11.29 -13.38
N ALA A 160 4.26 11.77 -14.24
CA ALA A 160 3.47 10.90 -15.10
C ALA A 160 3.93 10.98 -16.55
N SER A 161 3.89 9.83 -17.24
CA SER A 161 4.31 9.72 -18.63
C SER A 161 3.28 10.22 -19.64
N ASN A 162 2.05 10.53 -19.22
CA ASN A 162 1.09 11.06 -20.17
C ASN A 162 1.37 12.53 -20.46
N THR A 163 0.51 13.15 -21.25
CA THR A 163 0.66 14.58 -21.55
C THR A 163 -0.32 15.46 -20.76
N VAL A 164 -0.82 14.95 -19.64
CA VAL A 164 -1.74 15.68 -18.77
C VAL A 164 -0.87 16.55 -17.87
N ASP A 165 -0.93 17.89 -18.03
CA ASP A 165 0.08 18.68 -17.34
C ASP A 165 -0.28 18.99 -15.88
N PHE A 166 -1.55 19.23 -15.56
CA PHE A 166 -1.97 19.32 -14.17
C PHE A 166 -1.75 17.97 -13.45
N GLN A 167 -1.62 18.02 -12.12
CA GLN A 167 -1.10 16.83 -11.41
C GLN A 167 -2.17 15.91 -10.84
N GLU A 168 -3.19 16.43 -10.14
CA GLU A 168 -4.16 15.58 -9.46
C GLU A 168 -5.57 15.93 -9.89
N PHE A 169 -6.34 14.92 -10.28
CA PHE A 169 -7.75 15.08 -10.60
C PHE A 169 -8.52 14.22 -9.61
N MET A 170 -9.20 14.86 -8.65
CA MET A 170 -9.77 14.14 -7.52
C MET A 170 -11.29 14.16 -7.58
N ILE A 171 -11.90 13.12 -6.97
CA ILE A 171 -13.32 13.20 -6.65
C ILE A 171 -13.53 13.52 -5.17
N MET A 172 -14.64 14.19 -4.88
CA MET A 172 -15.01 14.53 -3.53
C MET A 172 -16.49 14.22 -3.34
N PRO A 173 -16.86 13.19 -2.55
CA PRO A 173 -18.29 12.78 -2.53
C PRO A 173 -19.13 13.62 -1.56
N VAL A 174 -19.38 14.87 -1.99
CA VAL A 174 -20.04 15.86 -1.15
C VAL A 174 -21.44 15.45 -0.77
N GLY A 175 -22.09 14.58 -1.57
CA GLY A 175 -23.44 14.14 -1.20
C GLY A 175 -23.53 13.09 -0.10
N ALA A 176 -22.42 12.53 0.35
CA ALA A 176 -22.40 11.52 1.41
C ALA A 176 -22.90 12.08 2.73
N LYS A 177 -23.51 11.23 3.55
CA LYS A 177 -23.96 11.67 4.87
C LYS A 177 -23.15 11.04 5.99
N SER A 178 -22.17 10.22 5.64
CA SER A 178 -21.24 9.63 6.60
C SER A 178 -19.93 9.37 5.89
N LEU A 179 -18.87 9.11 6.68
CA LEU A 179 -17.60 8.74 6.05
C LEU A 179 -17.70 7.38 5.37
N ARG A 180 -18.40 6.44 6.00
CA ARG A 180 -18.64 5.14 5.37
C ARG A 180 -19.30 5.29 4.00
N GLU A 181 -20.37 6.10 3.93
CA GLU A 181 -21.03 6.31 2.63
C GLU A 181 -20.10 7.03 1.63
N ALA A 182 -19.31 7.99 2.11
CA ALA A 182 -18.33 8.64 1.25
C ALA A 182 -17.39 7.62 0.62
N LEU A 183 -16.91 6.66 1.41
CA LEU A 183 -16.00 5.64 0.82
C LEU A 183 -16.75 4.70 -0.13
N GLN A 184 -18.02 4.37 0.15
CA GLN A 184 -18.78 3.57 -0.80
C GLN A 184 -18.93 4.28 -2.14
N MET A 185 -19.28 5.57 -2.10
CA MET A 185 -19.40 6.36 -3.32
C MET A 185 -18.08 6.41 -4.08
N ALA A 186 -16.97 6.68 -3.37
CA ALA A 186 -15.67 6.71 -4.02
C ALA A 186 -15.28 5.33 -4.58
N ASN A 187 -15.56 4.26 -3.83
CA ASN A 187 -15.31 2.90 -4.34
C ASN A 187 -16.04 2.65 -5.66
N LYS A 188 -17.31 3.05 -5.73
CA LYS A 188 -18.06 2.75 -6.92
C LYS A 188 -17.58 3.57 -8.09
N VAL A 189 -17.18 4.82 -7.85
CA VAL A 189 -16.64 5.63 -8.96
C VAL A 189 -15.30 5.06 -9.43
N PHE A 190 -14.40 4.77 -8.50
CA PHE A 190 -13.06 4.28 -8.82
C PHE A 190 -13.09 3.01 -9.66
N HIS A 191 -13.89 2.01 -9.25
CA HIS A 191 -13.89 0.76 -10.03
C HIS A 191 -14.62 0.91 -11.36
N ASN A 192 -15.61 1.80 -11.44
CA ASN A 192 -16.22 2.06 -12.74
C ASN A 192 -15.29 2.86 -13.64
N LEU A 193 -14.51 3.76 -13.06
CA LEU A 193 -13.49 4.47 -13.84
C LEU A 193 -12.50 3.48 -14.46
N ALA A 194 -12.00 2.52 -13.67
CA ALA A 194 -11.06 1.53 -14.20
C ALA A 194 -11.66 0.79 -15.39
N LYS A 195 -12.94 0.41 -15.28
CA LYS A 195 -13.63 -0.32 -16.35
C LYS A 195 -13.72 0.53 -17.62
N LEU A 196 -14.05 1.82 -17.46
CA LEU A 196 -14.11 2.73 -18.61
C LEU A 196 -12.76 2.88 -19.29
N LEU A 197 -11.69 3.06 -18.49
CA LEU A 197 -10.35 3.24 -19.04
C LEU A 197 -9.89 1.99 -19.77
N LYS A 198 -10.15 0.83 -19.18
CA LYS A 198 -9.72 -0.40 -19.84
C LYS A 198 -10.43 -0.57 -21.18
N LYS A 199 -11.74 -0.32 -21.19
CA LYS A 199 -12.49 -0.46 -22.44
C LYS A 199 -12.03 0.52 -23.51
N ALA A 200 -11.46 1.65 -23.11
CA ALA A 200 -10.91 2.60 -24.07
C ALA A 200 -9.49 2.26 -24.52
N GLY A 201 -8.89 1.21 -23.99
CA GLY A 201 -7.54 0.83 -24.34
C GLY A 201 -6.44 1.46 -23.52
N TYR A 202 -6.79 2.17 -22.45
CA TYR A 202 -5.80 2.70 -21.50
C TYR A 202 -5.45 1.68 -20.40
N GLY A 203 -4.25 1.89 -19.79
CA GLY A 203 -3.78 0.99 -18.75
C GLY A 203 -4.35 1.36 -17.40
N THR A 204 -4.42 0.37 -16.50
CA THR A 204 -4.97 0.66 -15.17
C THR A 204 -4.05 0.18 -14.06
N GLN A 205 -2.74 0.10 -14.33
CA GLN A 205 -1.80 0.13 -13.21
C GLN A 205 -1.85 1.50 -12.53
N VAL A 206 -1.24 1.59 -11.35
CA VAL A 206 -1.43 2.78 -10.52
C VAL A 206 -0.12 3.45 -10.17
N GLY A 207 -0.25 4.73 -9.80
CA GLY A 207 0.86 5.57 -9.38
C GLY A 207 1.04 5.51 -7.88
N ASP A 208 1.89 6.42 -7.39
CA ASP A 208 2.24 6.41 -5.95
C ASP A 208 1.04 6.53 -5.03
N GLU A 209 -0.01 7.24 -5.45
CA GLU A 209 -1.16 7.51 -4.60
C GLU A 209 -2.34 6.61 -4.91
N GLY A 210 -2.15 5.57 -5.72
CA GLY A 210 -3.20 4.60 -5.95
C GLY A 210 -4.15 4.93 -7.06
N GLY A 211 -3.88 6.00 -7.83
CA GLY A 211 -4.71 6.40 -8.95
C GLY A 211 -4.08 6.02 -10.30
N PHE A 212 -4.84 6.27 -11.38
CA PHE A 212 -4.45 5.93 -12.75
C PHE A 212 -3.89 7.15 -13.48
N ALA A 213 -2.86 6.91 -14.34
CA ALA A 213 -2.31 7.94 -15.24
C ALA A 213 -2.47 7.42 -16.67
N PRO A 214 -3.71 7.34 -17.16
CA PRO A 214 -3.94 6.94 -18.57
C PRO A 214 -3.35 7.95 -19.54
N ASN A 215 -3.16 7.48 -20.78
CA ASN A 215 -2.60 8.38 -21.80
C ASN A 215 -3.62 9.29 -22.49
N CYS A 216 -4.44 9.97 -21.69
CA CYS A 216 -5.35 10.99 -22.18
C CYS A 216 -4.56 12.18 -22.74
N LYS A 217 -5.21 12.93 -23.64
CA LYS A 217 -4.53 13.99 -24.39
C LYS A 217 -4.70 15.38 -23.79
N SER A 218 -5.59 15.58 -22.81
CA SER A 218 -5.82 16.94 -22.34
C SER A 218 -6.49 16.88 -20.99
N HIS A 219 -6.44 18.01 -20.27
CA HIS A 219 -7.16 18.09 -19.00
C HIS A 219 -8.64 17.81 -19.18
N GLU A 220 -9.22 18.31 -20.28
CA GLU A 220 -10.65 18.14 -20.51
C GLU A 220 -11.00 16.67 -20.72
N GLU A 221 -10.15 15.92 -21.39
CA GLU A 221 -10.43 14.50 -21.56
C GLU A 221 -10.42 13.80 -20.21
N VAL A 222 -9.47 14.16 -19.33
CA VAL A 222 -9.44 13.55 -18.00
C VAL A 222 -10.72 13.91 -17.24
N LEU A 223 -11.10 15.20 -17.27
CA LEU A 223 -12.29 15.61 -16.55
C LEU A 223 -13.52 14.91 -17.11
N ASP A 224 -13.56 14.69 -18.43
CA ASP A 224 -14.71 14.00 -19.04
C ASP A 224 -14.83 12.55 -18.53
N TYR A 225 -13.69 11.86 -18.30
CA TYR A 225 -13.74 10.51 -17.71
C TYR A 225 -14.25 10.54 -16.28
N LEU A 226 -13.90 11.56 -15.48
CA LEU A 226 -14.39 11.59 -14.11
C LEU A 226 -15.90 11.76 -14.12
N VAL A 227 -16.41 12.67 -14.96
CA VAL A 227 -17.84 12.88 -15.03
C VAL A 227 -18.52 11.60 -15.50
N GLU A 228 -17.93 10.90 -16.49
CA GLU A 228 -18.59 9.70 -16.98
C GLU A 228 -18.58 8.59 -15.94
N ALA A 229 -17.47 8.47 -15.19
CA ALA A 229 -17.43 7.44 -14.15
C ALA A 229 -18.42 7.76 -13.02
N ILE A 230 -18.55 9.05 -12.65
CA ILE A 230 -19.54 9.44 -11.63
C ILE A 230 -20.93 9.03 -12.08
N LYS A 231 -21.28 9.33 -13.33
CA LYS A 231 -22.61 9.00 -13.83
C LYS A 231 -22.83 7.49 -13.93
N VAL A 232 -21.84 6.73 -14.44
CA VAL A 232 -22.08 5.30 -14.61
C VAL A 232 -22.22 4.61 -13.26
N ALA A 233 -21.56 5.16 -12.23
CA ALA A 233 -21.68 4.63 -10.89
C ALA A 233 -23.01 4.95 -10.23
N GLY A 234 -23.82 5.78 -10.86
CA GLY A 234 -25.15 6.07 -10.37
C GLY A 234 -25.29 7.39 -9.65
N TYR A 235 -24.27 8.23 -9.68
CA TYR A 235 -24.26 9.47 -8.92
C TYR A 235 -24.38 10.67 -9.85
N THR A 236 -24.50 11.87 -9.25
CA THR A 236 -24.70 13.11 -10.01
C THR A 236 -23.45 13.98 -9.95
N PRO A 237 -22.86 14.42 -11.07
CA PRO A 237 -21.70 15.32 -11.00
C PRO A 237 -22.15 16.72 -10.64
N ALA A 238 -21.83 17.16 -9.42
CA ALA A 238 -22.41 18.39 -8.87
C ALA A 238 -21.61 18.76 -7.64
N THR A 239 -21.64 20.07 -7.29
CA THR A 239 -20.90 20.50 -6.09
C THR A 239 -21.72 20.42 -4.82
N SER A 240 -23.00 20.07 -4.89
CA SER A 240 -23.81 19.87 -3.70
C SER A 240 -25.07 19.09 -4.10
N GLY A 241 -25.72 18.50 -3.12
CA GLY A 241 -27.02 17.89 -3.33
C GLY A 241 -26.98 16.39 -3.13
N LYS A 242 -28.17 15.80 -3.16
CA LYS A 242 -28.22 14.37 -2.91
C LYS A 242 -27.52 13.65 -4.04
N ASN A 243 -26.79 12.61 -3.68
CA ASN A 243 -26.07 11.77 -4.61
C ASN A 243 -25.01 12.54 -5.38
N ALA A 244 -24.58 13.70 -4.86
CA ALA A 244 -23.61 14.52 -5.58
C ALA A 244 -22.17 14.07 -5.36
N ILE A 245 -21.41 14.04 -6.44
CA ILE A 245 -19.93 13.89 -6.35
C ILE A 245 -19.29 15.05 -7.13
N ALA A 246 -18.37 15.77 -6.46
CA ALA A 246 -17.72 16.94 -7.02
C ALA A 246 -16.28 16.60 -7.43
N ILE A 247 -15.59 17.55 -8.05
CA ILE A 247 -14.20 17.37 -8.50
C ILE A 247 -13.30 18.39 -7.81
N ALA A 248 -12.12 17.94 -7.36
CA ALA A 248 -11.08 18.83 -6.86
C ALA A 248 -9.83 18.65 -7.72
N LEU A 249 -9.10 19.75 -7.98
CA LEU A 249 -7.86 19.71 -8.75
C LEU A 249 -6.66 20.07 -7.88
N ASP A 250 -5.51 19.47 -8.19
CA ASP A 250 -4.19 20.01 -7.86
C ASP A 250 -3.49 20.28 -9.18
N ALA A 251 -3.46 21.57 -9.58
CA ALA A 251 -2.81 21.95 -10.82
C ALA A 251 -1.30 21.88 -10.71
N ALA A 252 -0.75 22.12 -9.52
CA ALA A 252 0.68 22.11 -9.25
C ALA A 252 1.42 23.02 -10.20
N CYS A 253 0.93 24.27 -10.30
CA CYS A 253 1.37 25.14 -11.37
C CYS A 253 2.76 25.73 -11.16
N SER A 254 3.38 25.56 -9.99
CA SER A 254 4.80 25.89 -9.88
C SER A 254 5.61 25.11 -10.90
N GLU A 255 5.20 23.87 -11.17
CA GLU A 255 5.91 23.03 -12.14
C GLU A 255 5.76 23.54 -13.56
N LEU A 256 4.71 24.30 -13.86
CA LEU A 256 4.47 24.79 -15.22
C LEU A 256 4.96 26.20 -15.47
N TYR A 257 5.51 26.87 -14.47
CA TYR A 257 5.76 28.30 -14.55
C TYR A 257 7.22 28.59 -14.91
N ASP A 258 7.42 29.67 -15.68
CA ASP A 258 8.75 30.19 -16.00
C ASP A 258 8.85 31.54 -15.32
N GLU A 259 9.72 31.65 -14.32
CA GLU A 259 9.74 32.89 -13.55
C GLU A 259 10.30 34.08 -14.34
N ASN A 260 10.99 33.85 -15.44
CA ASN A 260 11.49 34.97 -16.22
C ASN A 260 10.48 35.46 -17.25
N SER A 261 9.75 34.56 -17.91
CA SER A 261 8.77 35.00 -18.87
C SER A 261 7.44 35.32 -18.21
N LYS A 262 7.21 34.82 -17.00
CA LYS A 262 5.94 34.95 -16.29
C LYS A 262 4.80 34.23 -17.01
N LYS A 263 5.13 33.19 -17.78
CA LYS A 263 4.14 32.35 -18.44
C LYS A 263 4.03 30.97 -17.80
N TYR A 264 2.82 30.42 -17.89
CA TYR A 264 2.53 29.04 -17.50
C TYR A 264 2.38 28.23 -18.78
N THR A 265 3.09 27.09 -18.88
CA THR A 265 3.10 26.31 -20.12
C THR A 265 2.61 24.88 -19.87
N PHE A 266 1.71 24.41 -20.71
CA PHE A 266 1.32 22.99 -20.66
C PHE A 266 2.43 22.22 -21.38
N LYS A 267 3.52 21.97 -20.62
CA LYS A 267 4.79 21.57 -21.21
C LYS A 267 4.74 20.21 -21.89
N LYS A 268 4.16 19.20 -21.21
CA LYS A 268 4.18 17.86 -21.78
C LYS A 268 3.33 17.78 -23.05
N LEU A 269 2.14 18.40 -23.05
CA LEU A 269 1.33 18.46 -24.25
C LEU A 269 2.03 19.24 -25.35
N LYS A 270 2.64 20.37 -24.99
CA LYS A 270 3.37 21.15 -25.99
C LYS A 270 4.42 20.30 -26.68
N GLN A 271 5.12 19.46 -25.92
CA GLN A 271 6.20 18.66 -26.50
C GLN A 271 5.65 17.57 -27.41
N ALA A 272 4.61 16.85 -26.95
CA ALA A 272 3.98 15.86 -27.82
C ALA A 272 3.52 16.47 -29.12
N ILE A 273 2.86 17.64 -29.08
CA ILE A 273 2.38 18.27 -30.30
C ILE A 273 3.55 18.66 -31.19
N ALA A 274 4.63 19.14 -30.60
CA ALA A 274 5.80 19.59 -31.36
C ALA A 274 6.46 18.43 -32.10
N GLU A 275 6.71 17.32 -31.40
CA GLU A 275 7.28 16.16 -32.06
C GLU A 275 6.28 15.46 -32.98
N LYS A 276 5.08 16.04 -33.17
CA LYS A 276 4.03 15.46 -34.00
C LYS A 276 3.81 13.99 -33.64
N ARG A 277 3.71 13.73 -32.33
CA ARG A 277 3.38 12.40 -31.84
C ARG A 277 2.05 11.94 -32.42
N SER A 278 1.94 10.62 -32.63
CA SER A 278 0.77 10.04 -33.27
C SER A 278 -0.44 10.15 -32.35
N GLY A 279 -1.59 10.47 -32.95
CA GLY A 279 -2.80 10.71 -32.16
C GLY A 279 -2.90 12.09 -31.56
N PHE A 280 -2.01 13.01 -31.95
CA PHE A 280 -2.02 14.38 -31.47
C PHE A 280 -2.20 15.38 -32.63
N GLU A 281 -2.61 14.89 -33.80
CA GLU A 281 -2.95 15.76 -34.91
C GLU A 281 -4.15 16.64 -34.54
N HIS A 282 -4.33 17.69 -35.33
CA HIS A 282 -5.46 18.60 -35.19
C HIS A 282 -5.41 19.36 -33.87
N LEU A 283 -4.26 19.35 -33.20
CA LEU A 283 -4.09 20.08 -31.95
C LEU A 283 -3.17 21.29 -32.12
N ASP A 284 -2.85 21.69 -33.36
CA ASP A 284 -1.87 22.72 -33.54
C ASP A 284 -2.37 24.08 -33.07
N ASN A 285 -3.68 24.26 -32.89
CA ASN A 285 -4.25 25.53 -32.44
C ASN A 285 -4.51 25.56 -30.95
N VAL A 286 -4.23 24.47 -30.22
CA VAL A 286 -4.49 24.47 -28.79
C VAL A 286 -3.63 25.49 -28.10
N LYS A 287 -4.21 26.25 -27.16
CA LYS A 287 -3.43 27.21 -26.40
C LYS A 287 -2.56 26.49 -25.37
N LEU A 288 -1.26 26.77 -25.36
CA LEU A 288 -0.34 26.09 -24.44
C LEU A 288 0.35 27.00 -23.45
N GLU A 289 0.29 28.30 -23.64
CA GLU A 289 1.08 29.24 -22.87
C GLU A 289 0.13 30.32 -22.35
N TYR A 290 0.16 30.54 -21.03
CA TYR A 290 -0.80 31.43 -20.38
C TYR A 290 -0.10 32.44 -19.49
N THR A 291 -0.53 33.69 -19.58
CA THR A 291 -0.21 34.62 -18.49
C THR A 291 -1.02 34.23 -17.25
N THR A 292 -0.68 34.88 -16.12
CA THR A 292 -1.48 34.71 -14.91
C THR A 292 -2.94 34.97 -15.20
N ASP A 293 -3.25 36.10 -15.83
CA ASP A 293 -4.65 36.43 -16.04
C ASP A 293 -5.32 35.44 -17.02
N GLU A 294 -4.59 35.00 -18.05
CA GLU A 294 -5.17 34.04 -18.98
C GLU A 294 -5.45 32.71 -18.28
N LEU A 295 -4.55 32.29 -17.38
CA LEU A 295 -4.76 31.00 -16.74
C LEU A 295 -5.93 31.07 -15.79
N ILE A 296 -6.11 32.21 -15.12
CA ILE A 296 -7.27 32.37 -14.26
C ILE A 296 -8.55 32.26 -15.07
N GLU A 297 -8.56 32.85 -16.28
CA GLU A 297 -9.75 32.72 -17.14
C GLU A 297 -9.96 31.27 -17.59
N TYR A 298 -8.87 30.54 -17.83
CA TYR A 298 -8.95 29.12 -18.14
C TYR A 298 -9.57 28.31 -16.98
N PHE A 299 -9.17 28.59 -15.73
CA PHE A 299 -9.84 27.93 -14.61
C PHE A 299 -11.32 28.29 -14.57
N GLY A 300 -11.65 29.55 -14.89
CA GLY A 300 -13.06 29.94 -14.91
C GLY A 300 -13.85 29.11 -15.91
N LYS A 301 -13.26 28.87 -17.09
CA LYS A 301 -13.89 27.99 -18.07
C LYS A 301 -14.15 26.59 -17.50
N LEU A 302 -13.15 25.98 -16.85
CA LEU A 302 -13.34 24.66 -16.27
C LEU A 302 -14.39 24.67 -15.17
N ILE A 303 -14.38 25.70 -14.30
CA ILE A 303 -15.36 25.80 -13.22
C ILE A 303 -16.78 25.86 -13.77
N ASP A 304 -16.96 26.59 -14.90
CA ASP A 304 -18.30 26.68 -15.49
C ASP A 304 -18.80 25.35 -16.05
N LYS A 305 -17.89 24.54 -16.59
CA LYS A 305 -18.24 23.33 -17.32
C LYS A 305 -18.34 22.11 -16.43
N TYR A 306 -17.53 22.04 -15.39
CA TYR A 306 -17.40 20.84 -14.56
C TYR A 306 -17.72 21.19 -13.13
N PRO A 307 -18.12 20.18 -12.32
CA PRO A 307 -18.46 20.44 -10.91
C PRO A 307 -17.23 20.56 -10.03
N ILE A 308 -16.40 21.55 -10.33
CA ILE A 308 -15.13 21.75 -9.61
C ILE A 308 -15.42 22.57 -8.35
N ILE A 309 -15.09 22.00 -7.18
CA ILE A 309 -15.33 22.63 -5.89
C ILE A 309 -14.03 23.16 -5.25
N SER A 310 -12.87 22.74 -5.75
CA SER A 310 -11.63 23.16 -5.10
C SER A 310 -10.49 23.09 -6.12
N ILE A 311 -9.57 24.05 -6.04
CA ILE A 311 -8.39 24.07 -6.90
C ILE A 311 -7.18 24.37 -6.05
N GLU A 312 -6.21 23.47 -6.06
CA GLU A 312 -4.97 23.61 -5.29
C GLU A 312 -3.85 24.06 -6.22
N ASP A 313 -3.05 25.03 -5.75
CA ASP A 313 -1.89 25.53 -6.48
C ASP A 313 -2.20 25.83 -7.94
N GLY A 314 -3.28 26.60 -8.14
CA GLY A 314 -3.63 27.04 -9.48
C GLY A 314 -2.62 27.99 -10.08
N LEU A 315 -1.78 28.60 -9.26
CA LEU A 315 -0.72 29.49 -9.72
C LEU A 315 0.56 29.07 -9.00
N ALA A 316 1.67 29.67 -9.39
CA ALA A 316 2.99 29.27 -8.91
C ALA A 316 3.25 29.85 -7.51
N GLU A 317 4.17 29.20 -6.81
CA GLU A 317 4.48 29.54 -5.43
C GLU A 317 5.03 30.95 -5.28
N SER A 318 5.50 31.54 -6.37
CA SER A 318 5.96 32.92 -6.33
C SER A 318 4.90 33.92 -6.78
N ASP A 319 3.74 33.45 -7.28
CA ASP A 319 2.76 34.33 -7.92
C ASP A 319 1.70 34.76 -6.91
N TRP A 320 2.17 35.47 -5.88
CA TRP A 320 1.28 35.88 -4.79
C TRP A 320 0.17 36.79 -5.31
N GLU A 321 0.53 37.73 -6.19
CA GLU A 321 -0.47 38.60 -6.75
C GLU A 321 -1.52 37.80 -7.52
N GLY A 322 -1.08 36.77 -8.24
CA GLY A 322 -2.03 35.94 -8.96
C GLY A 322 -2.98 35.21 -8.04
N PHE A 323 -2.44 34.59 -6.97
CA PHE A 323 -3.32 33.89 -6.03
C PHE A 323 -4.40 34.80 -5.48
N ALA A 324 -4.02 36.02 -5.10
CA ALA A 324 -5.01 36.95 -4.53
C ALA A 324 -6.09 37.30 -5.56
N LYS A 325 -5.70 37.44 -6.83
CA LYS A 325 -6.68 37.70 -7.89
C LYS A 325 -7.61 36.52 -8.08
N MET A 326 -7.04 35.30 -8.08
CA MET A 326 -7.87 34.11 -8.26
C MET A 326 -8.86 33.96 -7.11
N THR A 327 -8.38 34.18 -5.88
CA THR A 327 -9.26 34.01 -4.72
C THR A 327 -10.36 35.07 -4.72
N ALA A 328 -10.02 36.29 -5.13
CA ALA A 328 -11.03 37.34 -5.20
C ALA A 328 -12.09 37.02 -6.25
N LYS A 329 -11.68 36.42 -7.37
CA LYS A 329 -12.61 36.18 -8.46
C LYS A 329 -13.53 34.99 -8.18
N PHE A 330 -12.96 33.87 -7.67
CA PHE A 330 -13.67 32.60 -7.56
C PHE A 330 -13.97 32.15 -6.15
N GLY A 331 -13.35 32.76 -5.13
CA GLY A 331 -13.38 32.28 -3.76
C GLY A 331 -14.74 32.29 -3.09
N SER A 332 -15.74 32.94 -3.68
CA SER A 332 -17.03 32.81 -3.04
C SER A 332 -17.79 31.57 -3.51
N LYS A 333 -17.31 30.89 -4.54
CA LYS A 333 -17.92 29.64 -4.97
C LYS A 333 -16.96 28.45 -4.99
N VAL A 334 -15.64 28.65 -4.95
CA VAL A 334 -14.65 27.60 -5.16
C VAL A 334 -13.57 27.72 -4.09
N GLN A 335 -13.18 26.58 -3.51
CA GLN A 335 -12.06 26.60 -2.57
C GLN A 335 -10.75 26.75 -3.34
N ILE A 336 -9.86 27.60 -2.80
CA ILE A 336 -8.54 27.87 -3.38
C ILE A 336 -7.53 27.46 -2.32
N VAL A 337 -6.75 26.40 -2.60
CA VAL A 337 -5.85 25.77 -1.60
C VAL A 337 -4.41 26.13 -1.96
N GLY A 338 -3.63 26.54 -0.96
CA GLY A 338 -2.18 26.64 -1.14
C GLY A 338 -1.50 25.36 -0.66
N ASP A 339 -0.52 24.87 -1.47
CA ASP A 339 0.30 23.70 -1.12
C ASP A 339 1.75 24.21 -1.22
N ASP A 340 2.29 24.26 -2.43
CA ASP A 340 3.64 24.82 -2.61
C ASP A 340 3.69 26.29 -2.19
N LEU A 341 2.55 26.99 -2.28
CA LEU A 341 2.52 28.41 -1.91
C LEU A 341 2.93 28.63 -0.45
N THR A 342 2.48 27.75 0.46
CA THR A 342 2.66 27.96 1.88
C THR A 342 3.53 26.90 2.58
N VAL A 343 3.74 25.72 1.97
CA VAL A 343 4.50 24.59 2.54
C VAL A 343 4.42 24.46 4.06
N THR A 344 3.18 24.54 4.61
CA THR A 344 2.86 24.37 6.04
C THR A 344 3.75 25.27 6.90
N ASN A 345 4.11 26.43 6.36
CA ASN A 345 5.08 27.34 7.00
C ASN A 345 4.37 28.48 7.75
N PRO A 346 4.66 28.71 9.03
CA PRO A 346 3.91 29.75 9.78
C PRO A 346 3.97 31.16 9.17
N LYS A 347 5.14 31.60 8.65
CA LYS A 347 5.24 32.96 8.13
C LYS A 347 4.52 33.10 6.78
N LEU A 348 4.55 32.05 5.96
CA LEU A 348 3.81 32.06 4.71
C LEU A 348 2.30 31.96 4.94
N LEU A 349 1.84 31.20 5.94
CA LEU A 349 0.41 31.23 6.26
C LEU A 349 -0.04 32.61 6.71
N GLU A 350 0.79 33.26 7.54
CA GLU A 350 0.47 34.63 7.95
C GLU A 350 0.36 35.55 6.75
N LYS A 351 1.28 35.43 5.81
CA LYS A 351 1.23 36.26 4.61
C LYS A 351 -0.04 35.96 3.81
N ALA A 352 -0.40 34.69 3.69
CA ALA A 352 -1.59 34.35 2.91
C ALA A 352 -2.87 34.88 3.56
N ILE A 353 -2.94 34.83 4.89
CA ILE A 353 -4.09 35.38 5.60
C ILE A 353 -4.20 36.89 5.36
N GLU A 354 -3.07 37.60 5.48
CA GLU A 354 -3.04 39.07 5.38
C GLU A 354 -3.42 39.54 3.99
N GLN A 355 -2.99 38.81 2.95
CA GLN A 355 -3.20 39.20 1.57
C GLN A 355 -4.42 38.55 0.93
N LYS A 356 -5.12 37.70 1.69
CA LYS A 356 -6.27 36.90 1.19
C LYS A 356 -5.87 36.14 -0.07
N SER A 357 -4.76 35.41 0.04
CA SER A 357 -4.17 34.70 -1.08
C SER A 357 -4.95 33.44 -1.47
N MET A 358 -5.74 32.91 -0.54
CA MET A 358 -6.32 31.58 -0.64
C MET A 358 -7.38 31.48 0.44
N ASN A 359 -8.17 30.40 0.41
CA ASN A 359 -9.13 30.21 1.51
C ASN A 359 -9.02 28.82 2.10
N ALA A 360 -7.96 28.09 1.77
CA ALA A 360 -7.68 26.80 2.40
C ALA A 360 -6.19 26.55 2.33
N ILE A 361 -5.71 25.66 3.20
CA ILE A 361 -4.28 25.36 3.23
C ILE A 361 -4.13 23.85 3.36
N LEU A 362 -3.17 23.28 2.63
CA LEU A 362 -2.81 21.89 2.84
C LEU A 362 -1.92 21.78 4.09
N ILE A 363 -2.20 20.79 4.95
CA ILE A 363 -1.45 20.61 6.20
C ILE A 363 -0.59 19.34 6.08
N LYS A 364 0.73 19.51 6.01
CA LYS A 364 1.66 18.37 5.92
C LYS A 364 2.57 18.43 7.13
N LEU A 365 2.32 17.54 8.10
CA LEU A 365 3.14 17.46 9.31
C LEU A 365 4.63 17.54 9.04
N ASN A 366 5.15 16.81 8.04
CA ASN A 366 6.62 16.75 7.97
C ASN A 366 7.19 17.92 7.19
N GLN A 367 6.35 18.80 6.66
CA GLN A 367 6.86 20.05 6.08
C GLN A 367 7.18 21.09 7.14
N ILE A 368 6.53 21.05 8.30
CA ILE A 368 6.92 21.94 9.40
C ILE A 368 7.75 21.22 10.45
N GLY A 369 7.45 19.93 10.74
CA GLY A 369 8.41 19.11 11.46
C GLY A 369 8.09 18.79 12.89
N SER A 370 6.99 19.31 13.46
CA SER A 370 6.61 18.90 14.81
C SER A 370 5.10 18.96 14.92
N LEU A 371 4.55 18.18 15.86
CA LEU A 371 3.10 18.24 16.07
C LEU A 371 2.66 19.59 16.64
N SER A 372 3.42 20.15 17.60
CA SER A 372 2.97 21.43 18.18
C SER A 372 2.90 22.53 17.12
N GLU A 373 3.91 22.63 16.24
CA GLU A 373 3.81 23.67 15.21
C GLU A 373 2.67 23.41 14.24
N THR A 374 2.35 22.15 13.94
CA THR A 374 1.23 21.84 13.09
C THR A 374 -0.09 22.24 13.76
N MET A 375 -0.21 21.94 15.06
CA MET A 375 -1.43 22.35 15.78
C MET A 375 -1.58 23.87 15.78
N ASP A 376 -0.47 24.61 15.99
CA ASP A 376 -0.50 26.07 15.91
C ASP A 376 -1.00 26.54 14.54
N ALA A 377 -0.51 25.91 13.47
CA ALA A 377 -0.88 26.32 12.13
C ALA A 377 -2.35 26.06 11.89
N ILE A 378 -2.84 24.91 12.35
CA ILE A 378 -4.26 24.61 12.17
C ILE A 378 -5.11 25.61 12.97
N ASN A 379 -4.74 25.87 14.23
CA ASN A 379 -5.50 26.85 15.04
C ASN A 379 -5.59 28.18 14.31
N LYS A 380 -4.45 28.65 13.77
CA LYS A 380 -4.39 29.97 13.14
C LYS A 380 -5.21 30.01 11.86
N ALA A 381 -5.09 28.97 11.02
CA ALA A 381 -5.80 28.95 9.76
C ALA A 381 -7.31 28.84 9.96
N GLN A 382 -7.76 27.97 10.86
CA GLN A 382 -9.19 27.87 11.12
C GLN A 382 -9.77 29.18 11.64
N LYS A 383 -9.04 29.85 12.55
CA LYS A 383 -9.52 31.14 13.06
C LYS A 383 -9.57 32.22 11.98
N ALA A 384 -8.80 32.04 10.89
CA ALA A 384 -8.83 32.96 9.75
C ALA A 384 -9.87 32.56 8.70
N ASN A 385 -10.80 31.66 9.06
CA ASN A 385 -11.86 31.20 8.15
C ASN A 385 -11.29 30.43 6.96
N MET A 386 -10.12 29.79 7.13
CA MET A 386 -9.57 28.91 6.10
C MET A 386 -9.84 27.45 6.44
N ALA A 387 -10.11 26.63 5.43
CA ALA A 387 -10.13 25.18 5.65
C ALA A 387 -8.72 24.60 5.76
N CYS A 388 -8.57 23.57 6.62
CA CYS A 388 -7.31 22.84 6.76
C CYS A 388 -7.49 21.46 6.15
N VAL A 389 -6.86 21.23 5.01
CA VAL A 389 -6.97 19.94 4.31
C VAL A 389 -5.77 19.14 4.77
N VAL A 390 -5.96 18.24 5.74
CA VAL A 390 -4.84 17.45 6.25
C VAL A 390 -4.38 16.49 5.14
N SER A 391 -3.08 16.43 4.88
CA SER A 391 -2.58 15.76 3.66
C SER A 391 -1.56 14.65 3.94
N HIS A 392 -1.64 13.58 3.14
CA HIS A 392 -0.57 12.59 2.97
C HIS A 392 0.64 13.19 2.23
N ARG A 393 1.72 12.41 2.13
CA ARG A 393 2.81 12.65 1.19
C ARG A 393 2.84 11.52 0.16
N SER A 394 3.61 11.71 -0.93
CA SER A 394 3.72 10.62 -1.93
C SER A 394 4.30 9.36 -1.32
N GLY A 395 5.30 9.49 -0.45
CA GLY A 395 5.82 8.34 0.25
C GLY A 395 5.12 8.20 1.60
N GLU A 396 4.26 7.21 1.72
CA GLU A 396 3.51 7.02 2.96
C GLU A 396 3.97 5.73 3.64
N THR A 397 3.39 5.47 4.83
CA THR A 397 3.61 4.20 5.52
C THR A 397 2.27 3.73 6.08
N GLU A 398 2.30 2.66 6.86
CA GLU A 398 1.12 2.14 7.54
C GLU A 398 0.65 3.01 8.71
N ASP A 399 1.38 4.08 9.02
CA ASP A 399 0.99 5.03 10.08
C ASP A 399 -0.28 5.77 9.67
N THR A 400 -1.25 5.92 10.59
CA THR A 400 -2.51 6.57 10.27
C THR A 400 -2.75 7.85 11.06
N THR A 401 -1.68 8.48 11.56
CA THR A 401 -1.83 9.72 12.36
C THR A 401 -2.70 10.77 11.68
N ILE A 402 -2.60 10.93 10.34
CA ILE A 402 -3.31 12.05 9.73
C ILE A 402 -4.80 11.85 9.82
N ALA A 403 -5.28 10.60 9.90
CA ALA A 403 -6.71 10.41 10.13
C ALA A 403 -7.14 10.97 11.50
N ASP A 404 -6.40 10.66 12.57
CA ASP A 404 -6.75 11.24 13.86
C ASP A 404 -6.57 12.74 13.87
N LEU A 405 -5.58 13.26 13.13
CA LEU A 405 -5.38 14.72 13.14
C LEU A 405 -6.57 15.45 12.52
N ALA A 406 -7.10 14.92 11.39
CA ALA A 406 -8.26 15.56 10.77
C ALA A 406 -9.47 15.55 11.68
N VAL A 407 -9.69 14.46 12.41
CA VAL A 407 -10.84 14.44 13.36
C VAL A 407 -10.55 15.34 14.58
N ALA A 408 -9.32 15.34 15.07
CA ALA A 408 -8.95 16.13 16.26
C ALA A 408 -9.37 17.57 16.13
N PHE A 409 -9.17 18.19 14.94
CA PHE A 409 -9.49 19.60 14.78
C PHE A 409 -10.74 19.82 13.93
N ASN A 410 -11.57 18.77 13.82
CA ASN A 410 -12.83 18.84 13.08
C ASN A 410 -12.60 19.53 11.73
N THR A 411 -11.55 19.11 11.01
CA THR A 411 -11.15 19.93 9.86
C THR A 411 -12.15 19.91 8.74
N GLY A 412 -12.90 18.80 8.57
CA GLY A 412 -13.89 18.70 7.54
C GLY A 412 -13.37 18.15 6.23
N GLN A 413 -12.04 18.04 6.07
CA GLN A 413 -11.46 17.63 4.80
C GLN A 413 -10.15 16.88 5.02
N ILE A 414 -9.87 15.91 4.13
CA ILE A 414 -8.58 15.19 4.16
C ILE A 414 -8.21 14.88 2.72
N LYS A 415 -6.91 14.77 2.45
CA LYS A 415 -6.40 14.37 1.12
C LYS A 415 -5.39 13.26 1.40
N THR A 416 -5.82 12.02 1.23
CA THR A 416 -4.92 10.92 1.56
C THR A 416 -5.01 9.78 0.54
N GLY A 417 -5.41 10.03 -0.70
CA GLY A 417 -5.10 9.08 -1.77
C GLY A 417 -6.34 8.59 -2.49
N SER A 418 -6.06 7.84 -3.56
CA SER A 418 -7.07 7.13 -4.33
C SER A 418 -7.61 5.95 -3.50
N MET A 419 -8.44 5.13 -4.16
CA MET A 419 -9.06 3.98 -3.51
C MET A 419 -8.27 2.70 -3.78
N SER A 420 -6.94 2.80 -3.83
CA SER A 420 -6.14 1.58 -3.78
C SER A 420 -4.80 1.93 -3.12
N ARG A 421 -4.11 0.85 -2.69
CA ARG A 421 -2.81 0.84 -1.99
C ARG A 421 -3.03 1.04 -0.50
N THR A 422 -2.51 0.12 0.32
CA THR A 422 -2.71 0.24 1.77
C THR A 422 -2.06 1.50 2.36
N ASP A 423 -1.06 2.11 1.69
CA ASP A 423 -0.51 3.38 2.17
C ASP A 423 -1.57 4.50 2.18
N ARG A 424 -2.62 4.35 1.37
CA ARG A 424 -3.78 5.24 1.40
C ARG A 424 -4.93 4.62 2.17
N ILE A 425 -5.25 3.37 1.84
CA ILE A 425 -6.47 2.76 2.44
C ILE A 425 -6.38 2.62 3.96
N ALA A 426 -5.17 2.45 4.52
CA ALA A 426 -5.04 2.36 5.98
C ALA A 426 -5.64 3.59 6.67
N LYS A 427 -5.52 4.78 6.06
CA LYS A 427 -6.09 5.98 6.66
C LYS A 427 -7.61 5.92 6.62
N TYR A 428 -8.16 5.44 5.51
CA TYR A 428 -9.60 5.32 5.41
C TYR A 428 -10.12 4.29 6.40
N ASN A 429 -9.38 3.19 6.58
CA ASN A 429 -9.79 2.22 7.58
C ASN A 429 -9.78 2.85 8.98
N ARG A 430 -8.76 3.65 9.30
CA ARG A 430 -8.75 4.28 10.63
C ARG A 430 -9.96 5.20 10.80
N LEU A 431 -10.31 5.95 9.75
CA LEU A 431 -11.50 6.80 9.80
C LEU A 431 -12.75 5.97 9.98
N LEU A 432 -12.85 4.83 9.29
CA LEU A 432 -14.02 3.97 9.54
C LEU A 432 -14.13 3.56 11.00
N VAL A 433 -13.00 3.22 11.62
CA VAL A 433 -12.99 2.80 13.03
C VAL A 433 -13.36 3.98 13.93
N ILE A 434 -12.86 5.17 13.62
CA ILE A 434 -13.20 6.34 14.44
C ILE A 434 -14.70 6.62 14.37
N GLU A 435 -15.25 6.58 13.17
CA GLU A 435 -16.69 6.86 13.02
C GLU A 435 -17.50 5.83 13.81
N GLU A 436 -17.09 4.56 13.78
CA GLU A 436 -17.81 3.54 14.55
C GLU A 436 -17.72 3.80 16.06
N GLU A 437 -16.54 4.19 16.53
CA GLU A 437 -16.31 4.43 17.96
C GLU A 437 -17.13 5.59 18.47
N LEU A 438 -17.19 6.67 17.69
CA LEU A 438 -18.00 7.86 18.03
C LEU A 438 -19.48 7.55 17.97
N GLY A 439 -19.88 6.67 17.07
CA GLY A 439 -21.32 6.36 16.90
C GLY A 439 -22.15 7.59 16.62
N GLU A 440 -23.28 7.74 17.35
CA GLU A 440 -24.12 8.91 17.09
C GLU A 440 -23.51 10.23 17.52
N GLN A 441 -22.38 10.22 18.24
CA GLN A 441 -21.65 11.43 18.58
C GLN A 441 -20.89 12.00 17.38
N SER A 442 -20.77 11.24 16.31
CA SER A 442 -19.98 11.73 15.17
C SER A 442 -20.79 12.70 14.30
N GLU A 443 -20.08 13.52 13.51
CA GLU A 443 -20.72 14.33 12.48
C GLU A 443 -19.93 14.19 11.19
N PHE A 444 -20.65 14.28 10.05
CA PHE A 444 -20.03 14.32 8.74
C PHE A 444 -20.75 15.38 7.94
N GLU A 445 -20.04 16.39 7.45
CA GLU A 445 -20.80 17.59 7.04
C GLU A 445 -21.09 17.70 5.57
N GLY A 446 -20.33 17.01 4.71
CA GLY A 446 -20.65 17.05 3.29
C GLY A 446 -20.42 18.42 2.63
N SER A 447 -21.43 18.92 1.91
CA SER A 447 -21.21 20.24 1.31
C SER A 447 -21.07 21.33 2.39
N LYS A 448 -21.60 21.12 3.60
CA LYS A 448 -21.41 22.11 4.65
C LYS A 448 -20.01 22.07 5.28
N ALA A 449 -19.14 21.19 4.81
CA ALA A 449 -17.76 21.22 5.27
C ALA A 449 -17.07 22.52 4.87
N PHE A 450 -17.51 23.14 3.77
CA PHE A 450 -16.83 24.30 3.18
C PHE A 450 -17.25 25.62 3.83
N TYR A 451 -16.91 25.76 5.13
CA TYR A 451 -17.26 26.96 5.86
C TYR A 451 -16.44 28.17 5.42
N ASN A 452 -15.38 27.90 4.65
CA ASN A 452 -14.48 28.90 4.09
C ASN A 452 -14.97 29.48 2.79
N ILE A 453 -16.03 28.93 2.19
CA ILE A 453 -16.47 29.43 0.88
C ILE A 453 -17.55 30.46 1.12
N LYS A 454 -17.21 31.72 0.87
CA LYS A 454 -18.12 32.87 1.00
C LYS A 454 -19.31 32.77 0.05
N PRO B 2 -7.33 -13.67 30.46
CA PRO B 2 -7.33 -14.61 29.34
C PRO B 2 -8.72 -14.96 28.83
N ILE B 3 -9.76 -14.62 29.60
CA ILE B 3 -11.09 -15.00 29.18
C ILE B 3 -11.58 -14.01 28.14
N ILE B 4 -12.12 -14.54 27.03
CA ILE B 4 -12.71 -13.68 25.99
C ILE B 4 -13.95 -13.00 26.54
N GLU B 5 -13.96 -11.68 26.51
CA GLU B 5 -15.11 -10.93 26.98
C GLU B 5 -15.91 -10.28 25.86
N ARG B 6 -15.28 -9.94 24.74
CA ARG B 6 -16.00 -9.35 23.63
C ARG B 6 -15.30 -9.71 22.33
N ILE B 7 -16.10 -9.91 21.27
CA ILE B 7 -15.60 -10.14 19.91
C ILE B 7 -16.40 -9.21 19.00
N GLN B 8 -15.71 -8.37 18.21
CA GLN B 8 -16.41 -7.42 17.34
C GLN B 8 -15.79 -7.46 15.96
N ALA B 9 -16.60 -7.79 14.96
CA ALA B 9 -16.14 -7.73 13.57
C ALA B 9 -16.64 -6.45 12.92
N ARG B 10 -15.86 -5.96 11.95
CA ARG B 10 -16.30 -4.78 11.18
C ARG B 10 -15.79 -4.92 9.74
N GLU B 11 -16.39 -4.14 8.83
CA GLU B 11 -15.99 -4.13 7.43
C GLU B 11 -14.97 -3.02 7.17
N ILE B 12 -13.80 -3.37 6.63
CA ILE B 12 -12.78 -2.38 6.25
C ILE B 12 -12.46 -2.57 4.77
N LEU B 13 -11.42 -1.90 4.27
CA LEU B 13 -11.05 -2.05 2.88
C LEU B 13 -9.63 -2.62 2.74
N ASP B 14 -9.44 -3.38 1.65
CA ASP B 14 -8.13 -3.95 1.33
C ASP B 14 -7.40 -3.10 0.30
N SER B 15 -6.22 -3.57 -0.12
CA SER B 15 -5.32 -2.75 -0.90
C SER B 15 -5.74 -2.61 -2.35
N ARG B 16 -6.71 -3.41 -2.81
CA ARG B 16 -7.30 -3.24 -4.14
C ARG B 16 -8.56 -2.37 -4.09
N GLY B 17 -8.91 -1.85 -2.91
CA GLY B 17 -10.11 -1.02 -2.82
C GLY B 17 -11.39 -1.84 -2.67
N ASN B 18 -11.28 -3.09 -2.20
CA ASN B 18 -12.50 -3.92 -2.02
C ASN B 18 -12.66 -4.25 -0.53
N PRO B 19 -13.88 -4.50 -0.06
CA PRO B 19 -14.09 -4.76 1.38
C PRO B 19 -13.42 -6.03 1.89
N THR B 20 -13.03 -6.02 3.16
CA THR B 20 -12.65 -7.27 3.82
C THR B 20 -12.98 -7.17 5.31
N VAL B 21 -12.77 -8.28 6.04
CA VAL B 21 -13.15 -8.42 7.47
C VAL B 21 -12.00 -7.98 8.37
N GLN B 22 -12.29 -7.19 9.41
CA GLN B 22 -11.42 -6.99 10.58
C GLN B 22 -12.15 -7.50 11.82
N VAL B 23 -11.45 -8.18 12.71
CA VAL B 23 -12.02 -8.64 13.99
C VAL B 23 -11.16 -8.13 15.13
N GLU B 24 -11.84 -7.70 16.20
CA GLU B 24 -11.19 -7.26 17.44
C GLU B 24 -11.67 -8.16 18.57
N VAL B 25 -10.73 -8.78 19.30
CA VAL B 25 -11.03 -9.65 20.44
C VAL B 25 -10.57 -8.91 21.69
N THR B 26 -11.41 -8.83 22.73
CA THR B 26 -11.02 -8.16 23.98
C THR B 26 -11.13 -9.16 25.13
N THR B 27 -10.09 -9.22 25.98
CA THR B 27 -10.11 -10.17 27.10
C THR B 27 -10.60 -9.49 28.37
N ASP B 28 -10.78 -10.31 29.42
CA ASP B 28 -11.15 -9.79 30.74
C ASP B 28 -10.06 -8.96 31.39
N TYR B 29 -8.83 -8.98 30.87
CA TYR B 29 -7.81 -8.00 31.28
C TYR B 29 -7.84 -6.72 30.43
N GLU B 30 -8.87 -6.53 29.61
CA GLU B 30 -9.02 -5.36 28.75
C GLU B 30 -7.86 -5.26 27.75
N ILE B 31 -7.30 -6.39 27.38
CA ILE B 31 -6.29 -6.46 26.32
C ILE B 31 -7.04 -6.76 25.03
N THR B 32 -6.61 -6.16 23.91
CA THR B 32 -7.29 -6.41 22.65
C THR B 32 -6.31 -6.91 21.60
N GLY B 33 -6.80 -7.77 20.73
CA GLY B 33 -6.04 -8.19 19.55
C GLY B 33 -6.91 -7.88 18.36
N VAL B 34 -6.29 -7.35 17.30
CA VAL B 34 -6.99 -7.00 16.06
C VAL B 34 -6.32 -7.72 14.87
N ALA B 35 -7.14 -8.32 13.98
CA ALA B 35 -6.59 -9.00 12.80
C ALA B 35 -7.46 -8.70 11.58
N ASN B 36 -6.81 -8.70 10.39
CA ASN B 36 -7.54 -8.52 9.15
C ASN B 36 -7.39 -9.73 8.25
N VAL B 37 -8.35 -9.95 7.38
CA VAL B 37 -8.36 -11.09 6.45
C VAL B 37 -7.94 -10.62 5.06
N PRO B 38 -6.96 -11.25 4.42
CA PRO B 38 -6.61 -10.91 3.03
C PRO B 38 -7.56 -11.59 2.03
N SER B 39 -7.42 -11.23 0.76
CA SER B 39 -8.32 -11.81 -0.23
C SER B 39 -7.62 -11.97 -1.58
N GLY B 40 -7.86 -13.09 -2.24
CA GLY B 40 -7.25 -13.30 -3.55
C GLY B 40 -8.05 -12.68 -4.67
N SER B 45 -11.07 -25.29 -7.41
CA SER B 45 -11.62 -24.49 -6.31
C SER B 45 -12.05 -25.37 -5.11
N ARG B 46 -11.07 -26.01 -4.48
CA ARG B 46 -11.25 -26.79 -3.27
C ARG B 46 -10.94 -25.97 -2.01
N GLU B 47 -10.58 -24.71 -2.20
CA GLU B 47 -10.17 -23.82 -1.11
C GLU B 47 -11.37 -23.36 -0.29
N ALA B 48 -11.07 -22.86 0.91
CA ALA B 48 -12.14 -22.43 1.81
C ALA B 48 -12.85 -21.19 1.23
N LEU B 49 -14.14 -21.08 1.52
CA LEU B 49 -14.96 -20.14 0.75
C LEU B 49 -15.03 -18.80 1.47
N GLU B 50 -14.61 -17.73 0.80
CA GLU B 50 -14.85 -16.41 1.39
C GLU B 50 -16.25 -15.95 0.99
N LEU B 51 -16.95 -15.40 1.95
CA LEU B 51 -18.35 -15.03 1.78
C LEU B 51 -18.45 -13.55 1.47
N ARG B 52 -19.14 -13.21 0.39
CA ARG B 52 -19.35 -11.82 0.03
C ARG B 52 -20.84 -11.54 -0.01
N ASP B 53 -21.19 -10.32 -0.37
CA ASP B 53 -22.56 -9.85 -0.19
C ASP B 53 -23.43 -9.95 -1.43
N LYS B 54 -22.90 -10.42 -2.56
CA LYS B 54 -23.74 -10.62 -3.75
C LYS B 54 -24.91 -11.53 -3.38
N GLY B 55 -26.10 -11.18 -3.83
CA GLY B 55 -27.28 -11.94 -3.47
C GLY B 55 -27.88 -11.69 -2.09
N THR B 56 -27.46 -10.64 -1.39
CA THR B 56 -28.03 -10.21 -0.11
C THR B 56 -28.43 -8.74 -0.19
N LYS B 57 -29.12 -8.26 0.85
CA LYS B 57 -29.52 -6.87 0.91
C LYS B 57 -28.33 -5.94 1.00
N TYR B 58 -27.14 -6.49 1.23
CA TYR B 58 -25.94 -5.66 1.29
C TYR B 58 -25.25 -5.51 -0.06
N GLU B 59 -25.72 -6.20 -1.12
CA GLU B 59 -25.02 -6.23 -2.41
C GLU B 59 -24.71 -4.83 -2.96
N GLY B 60 -25.65 -3.89 -2.83
CA GLY B 60 -25.38 -2.57 -3.39
C GLY B 60 -24.41 -1.65 -2.63
N ASN B 61 -23.90 -2.07 -1.48
CA ASN B 61 -23.06 -1.17 -0.68
C ASN B 61 -21.79 -0.79 -1.42
N TRP B 62 -21.22 -1.75 -2.16
CA TRP B 62 -19.88 -1.62 -2.77
C TRP B 62 -19.90 -2.21 -4.17
N PHE B 63 -18.93 -1.77 -4.97
CA PHE B 63 -18.81 -2.24 -6.35
C PHE B 63 -18.76 -3.76 -6.44
N GLY B 64 -19.50 -4.28 -7.42
CA GLY B 64 -19.42 -5.71 -7.67
C GLY B 64 -20.02 -6.60 -6.59
N GLY B 65 -20.79 -6.03 -5.67
CA GLY B 65 -21.34 -6.82 -4.55
C GLY B 65 -20.27 -7.42 -3.66
N LYS B 66 -19.12 -6.74 -3.54
CA LYS B 66 -17.99 -7.34 -2.84
C LYS B 66 -17.97 -7.01 -1.35
N GLY B 67 -19.04 -6.40 -0.81
CA GLY B 67 -19.14 -6.24 0.63
C GLY B 67 -18.96 -7.54 1.41
N VAL B 68 -18.56 -7.44 2.69
CA VAL B 68 -18.47 -8.63 3.53
C VAL B 68 -19.32 -8.49 4.78
N MET B 69 -20.41 -7.73 4.71
CA MET B 69 -21.18 -7.52 5.93
C MET B 69 -21.91 -8.78 6.35
N THR B 70 -22.21 -9.67 5.39
CA THR B 70 -22.76 -10.98 5.77
C THR B 70 -21.79 -11.74 6.68
N ALA B 71 -20.50 -11.77 6.30
CA ALA B 71 -19.50 -12.43 7.14
C ALA B 71 -19.32 -11.72 8.46
N VAL B 72 -19.32 -10.38 8.44
CA VAL B 72 -19.26 -9.60 9.67
C VAL B 72 -20.41 -9.97 10.59
N ASP B 73 -21.63 -10.02 10.04
CA ASP B 73 -22.78 -10.43 10.86
C ASP B 73 -22.56 -11.85 11.41
N ASN B 74 -21.99 -12.73 10.60
CA ASN B 74 -21.79 -14.09 11.10
C ASN B 74 -20.84 -14.10 12.30
N VAL B 75 -19.76 -13.30 12.25
CA VAL B 75 -18.90 -13.20 13.43
C VAL B 75 -19.70 -12.70 14.62
N ASN B 76 -20.39 -11.56 14.46
CA ASN B 76 -20.95 -10.86 15.62
C ASN B 76 -22.17 -11.60 16.19
N GLU B 77 -22.95 -12.26 15.35
CA GLU B 77 -24.21 -12.88 15.77
C GLU B 77 -24.13 -14.37 16.00
N LYS B 78 -23.25 -15.07 15.28
CA LYS B 78 -23.16 -16.54 15.38
C LYS B 78 -21.91 -17.02 16.11
N ILE B 79 -20.72 -16.57 15.71
CA ILE B 79 -19.48 -17.06 16.31
C ILE B 79 -19.29 -16.49 17.71
N ALA B 80 -19.43 -15.16 17.86
CA ALA B 80 -19.03 -14.53 19.12
C ALA B 80 -19.77 -15.08 20.33
N PRO B 81 -21.08 -15.30 20.30
CA PRO B 81 -21.75 -15.81 21.49
C PRO B 81 -21.25 -17.17 21.89
N GLU B 82 -20.69 -17.96 20.97
CA GLU B 82 -20.19 -19.29 21.32
C GLU B 82 -18.82 -19.23 21.97
N LEU B 83 -18.08 -18.14 21.77
CA LEU B 83 -16.71 -18.09 22.29
C LEU B 83 -16.55 -17.26 23.54
N ILE B 84 -17.49 -16.34 23.86
CA ILE B 84 -17.34 -15.54 25.07
C ILE B 84 -17.22 -16.48 26.25
N GLY B 85 -16.24 -16.24 27.11
CA GLY B 85 -16.01 -17.11 28.24
C GLY B 85 -14.89 -18.11 28.08
N MET B 86 -14.45 -18.39 26.85
CA MET B 86 -13.34 -19.32 26.64
C MET B 86 -12.01 -18.63 26.91
N SER B 87 -11.00 -19.43 27.24
CA SER B 87 -9.64 -18.90 27.36
C SER B 87 -9.06 -18.55 26.00
N VAL B 88 -8.50 -17.33 25.91
CA VAL B 88 -7.88 -16.89 24.69
C VAL B 88 -6.65 -17.73 24.34
N PHE B 89 -6.13 -18.51 25.31
CA PHE B 89 -4.94 -19.29 25.04
C PHE B 89 -5.22 -20.64 24.38
N ASP B 90 -6.46 -21.11 24.41
CA ASP B 90 -6.85 -22.40 23.81
C ASP B 90 -7.13 -22.25 22.31
N GLN B 91 -6.07 -21.93 21.56
CA GLN B 91 -6.22 -21.66 20.12
C GLN B 91 -6.85 -22.84 19.40
N ARG B 92 -6.34 -24.06 19.66
CA ARG B 92 -6.86 -25.22 18.93
C ARG B 92 -8.34 -25.49 19.27
N ALA B 93 -8.73 -25.29 20.54
CA ALA B 93 -10.12 -25.52 20.89
C ALA B 93 -11.05 -24.48 20.26
N ILE B 94 -10.60 -23.22 20.20
CA ILE B 94 -11.44 -22.19 19.60
C ILE B 94 -11.63 -22.45 18.11
N ASP B 95 -10.55 -22.82 17.42
CA ASP B 95 -10.65 -23.08 15.99
C ASP B 95 -11.52 -24.29 15.74
N LYS B 96 -11.38 -25.34 16.56
CA LYS B 96 -12.24 -26.51 16.39
C LYS B 96 -13.70 -26.15 16.59
N LEU B 97 -13.99 -25.32 17.62
CA LEU B 97 -15.39 -24.95 17.83
C LEU B 97 -15.97 -24.26 16.59
N MET B 98 -15.19 -23.36 15.96
CA MET B 98 -15.71 -22.63 14.80
C MET B 98 -15.89 -23.56 13.62
N ILE B 99 -14.94 -24.48 13.46
CA ILE B 99 -15.01 -25.42 12.34
C ILE B 99 -16.26 -26.27 12.47
N GLU B 100 -16.55 -26.73 13.68
CA GLU B 100 -17.71 -27.57 13.90
C GLU B 100 -19.00 -26.76 13.83
N LEU B 101 -18.96 -25.51 14.29
CA LEU B 101 -20.17 -24.67 14.19
C LEU B 101 -20.58 -24.48 12.74
N ASP B 102 -19.59 -24.29 11.85
CA ASP B 102 -19.86 -24.15 10.42
C ASP B 102 -20.33 -25.47 9.81
N GLY B 103 -19.60 -26.54 10.09
CA GLY B 103 -20.00 -27.91 9.77
C GLY B 103 -19.79 -28.35 8.34
N THR B 104 -19.18 -27.52 7.48
CA THR B 104 -18.94 -27.88 6.08
C THR B 104 -17.45 -27.93 5.81
N ALA B 105 -17.05 -28.67 4.76
CA ALA B 105 -15.62 -28.82 4.53
C ALA B 105 -14.98 -27.52 4.09
N THR B 106 -15.68 -26.68 3.34
CA THR B 106 -15.08 -25.45 2.83
C THR B 106 -15.49 -24.19 3.63
N LYS B 107 -16.07 -24.35 4.84
CA LYS B 107 -16.41 -23.19 5.69
C LYS B 107 -17.42 -22.31 4.95
N SER B 108 -18.35 -22.95 4.24
CA SER B 108 -19.25 -22.21 3.37
C SER B 108 -20.45 -21.62 4.11
N LYS B 109 -20.73 -22.07 5.33
CA LYS B 109 -21.90 -21.57 6.05
C LYS B 109 -21.59 -20.25 6.75
N LEU B 110 -20.50 -20.21 7.52
CA LEU B 110 -20.09 -19.00 8.21
C LEU B 110 -19.19 -18.12 7.34
N GLY B 111 -18.45 -18.70 6.41
CA GLY B 111 -17.45 -17.95 5.63
C GLY B 111 -16.03 -18.14 6.16
N ALA B 112 -15.10 -18.52 5.27
CA ALA B 112 -13.71 -18.63 5.73
C ALA B 112 -13.19 -17.29 6.24
N ASN B 113 -13.73 -16.18 5.73
CA ASN B 113 -13.23 -14.89 6.17
C ASN B 113 -13.75 -14.53 7.56
N ALA B 114 -14.96 -14.93 7.91
CA ALA B 114 -15.40 -14.81 9.30
C ALA B 114 -14.53 -15.66 10.24
N ILE B 115 -14.34 -16.93 9.91
CA ILE B 115 -13.59 -17.80 10.82
C ILE B 115 -12.14 -17.34 10.97
N LEU B 116 -11.44 -17.05 9.86
CA LEU B 116 -10.02 -16.69 10.01
C LEU B 116 -9.85 -15.40 10.78
N GLY B 117 -10.74 -14.41 10.54
CA GLY B 117 -10.63 -13.15 11.27
C GLY B 117 -10.62 -13.37 12.78
N VAL B 118 -11.56 -14.16 13.27
CA VAL B 118 -11.61 -14.49 14.69
C VAL B 118 -10.37 -15.27 15.10
N SER B 119 -10.01 -16.27 14.33
CA SER B 119 -8.86 -17.14 14.67
C SER B 119 -7.60 -16.31 14.89
N LEU B 120 -7.32 -15.39 13.98
CA LEU B 120 -6.10 -14.59 14.09
C LEU B 120 -6.21 -13.54 15.19
N ALA B 121 -7.39 -12.92 15.36
CA ALA B 121 -7.53 -11.92 16.41
C ALA B 121 -7.36 -12.54 17.80
N VAL B 122 -7.83 -13.77 17.98
CA VAL B 122 -7.65 -14.48 19.25
C VAL B 122 -6.17 -14.67 19.54
N ALA B 123 -5.42 -15.14 18.54
CA ALA B 123 -3.99 -15.38 18.75
C ALA B 123 -3.25 -14.08 19.05
N ARG B 124 -3.61 -12.99 18.37
CA ARG B 124 -2.96 -11.71 18.65
C ARG B 124 -3.30 -11.21 20.04
N ALA B 125 -4.56 -11.40 20.49
CA ALA B 125 -4.93 -11.01 21.84
C ALA B 125 -4.14 -11.81 22.88
N ALA B 126 -4.03 -13.11 22.66
CA ALA B 126 -3.29 -13.97 23.59
C ALA B 126 -1.85 -13.51 23.73
N ALA B 127 -1.19 -13.31 22.59
CA ALA B 127 0.22 -12.89 22.62
C ALA B 127 0.36 -11.55 23.33
N THR B 128 -0.52 -10.60 23.04
CA THR B 128 -0.42 -9.30 23.71
C THR B 128 -0.67 -9.41 25.21
N GLU B 129 -1.61 -10.26 25.62
CA GLU B 129 -1.86 -10.40 27.04
C GLU B 129 -0.65 -10.96 27.78
N LEU B 130 0.10 -11.86 27.14
CA LEU B 130 1.30 -12.43 27.73
C LEU B 130 2.49 -11.48 27.66
N GLY B 131 2.40 -10.42 26.87
CA GLY B 131 3.53 -9.55 26.62
C GLY B 131 4.59 -10.20 25.76
N MET B 132 4.18 -11.17 24.94
CA MET B 132 5.10 -11.96 24.10
C MET B 132 4.98 -11.58 22.63
N PRO B 133 6.09 -11.51 21.89
CA PRO B 133 6.03 -11.32 20.43
C PRO B 133 5.17 -12.41 19.80
N LEU B 134 4.35 -12.02 18.81
CA LEU B 134 3.47 -13.00 18.17
C LEU B 134 4.26 -14.19 17.61
N TYR B 135 5.44 -13.96 16.99
CA TYR B 135 6.16 -15.14 16.48
C TYR B 135 6.57 -16.11 17.60
N ARG B 136 6.88 -15.64 18.80
CA ARG B 136 7.19 -16.54 19.92
C ARG B 136 5.94 -17.24 20.43
N TYR B 137 4.80 -16.53 20.44
CA TYR B 137 3.56 -17.17 20.88
C TYR B 137 3.19 -18.33 19.94
N ILE B 138 3.29 -18.09 18.62
CA ILE B 138 2.91 -19.10 17.63
C ILE B 138 3.94 -20.23 17.60
N GLY B 139 5.23 -19.89 17.57
CA GLY B 139 6.30 -20.85 17.30
C GLY B 139 7.17 -21.33 18.46
N GLY B 140 7.07 -20.66 19.63
CA GLY B 140 7.83 -21.12 20.81
C GLY B 140 9.20 -20.44 20.88
N ALA B 141 9.99 -20.95 21.83
CA ALA B 141 11.24 -20.30 22.24
C ALA B 141 12.30 -20.28 21.14
N ASN B 142 12.21 -21.17 20.14
CA ASN B 142 13.23 -21.19 19.10
C ASN B 142 12.75 -20.57 17.80
N ALA B 143 11.66 -19.81 17.84
CA ALA B 143 11.27 -19.02 16.67
C ALA B 143 12.26 -17.90 16.48
N HIS B 144 13.17 -18.00 15.42
CA HIS B 144 14.26 -17.04 15.39
C HIS B 144 14.81 -16.80 14.00
N THR B 145 14.31 -17.46 12.97
CA THR B 145 14.93 -17.44 11.64
C THR B 145 14.14 -16.52 10.72
N LEU B 146 14.83 -15.47 10.19
CA LEU B 146 14.16 -14.57 9.25
C LEU B 146 14.09 -15.23 7.88
N PRO B 147 13.01 -14.99 7.15
CA PRO B 147 12.84 -15.64 5.84
C PRO B 147 13.57 -14.90 4.71
N LEU B 148 14.08 -15.69 3.77
CA LEU B 148 14.54 -15.14 2.47
C LEU B 148 13.33 -14.76 1.62
N PRO B 149 13.18 -13.51 1.26
CA PRO B 149 11.98 -13.14 0.47
C PRO B 149 12.15 -13.38 -1.03
N MET B 150 11.05 -13.78 -1.69
CA MET B 150 10.96 -13.74 -3.15
C MET B 150 10.02 -12.60 -3.54
N LEU B 151 10.55 -11.62 -4.30
CA LEU B 151 9.88 -10.34 -4.55
C LEU B 151 9.44 -10.23 -6.02
N ASN B 152 8.13 -10.09 -6.24
CA ASN B 152 7.49 -10.08 -7.57
C ASN B 152 7.61 -8.73 -8.29
N VAL B 153 8.77 -8.49 -8.89
CA VAL B 153 9.07 -7.16 -9.44
C VAL B 153 8.67 -7.00 -10.91
N LEU B 154 8.48 -8.09 -11.67
CA LEU B 154 7.99 -8.01 -13.06
C LEU B 154 6.82 -8.97 -13.23
N ASN B 155 5.78 -8.54 -13.97
CA ASN B 155 4.48 -9.21 -13.89
C ASN B 155 3.95 -9.51 -15.28
N GLY B 156 3.34 -10.70 -15.41
CA GLY B 156 2.54 -11.00 -16.59
C GLY B 156 1.23 -11.71 -16.25
N GLY B 157 0.78 -12.57 -17.16
CA GLY B 157 -0.38 -13.41 -16.91
C GLY B 157 -1.68 -12.73 -17.29
N GLU B 158 -2.77 -13.35 -16.87
CA GLU B 158 -4.03 -12.62 -16.92
C GLU B 158 -3.91 -11.45 -15.96
N HIS B 159 -4.65 -10.38 -16.25
CA HIS B 159 -4.61 -9.07 -15.59
C HIS B 159 -3.54 -8.18 -16.17
N ALA B 160 -2.56 -8.69 -16.93
CA ALA B 160 -1.52 -7.84 -17.50
C ALA B 160 -1.73 -7.70 -18.99
N SER B 161 -1.72 -6.46 -19.47
CA SER B 161 -2.00 -6.24 -20.89
C SER B 161 -0.84 -6.60 -21.81
N ASN B 162 0.37 -6.85 -21.29
CA ASN B 162 1.49 -7.29 -22.12
C ASN B 162 1.27 -8.73 -22.63
N THR B 163 2.22 -9.22 -23.44
CA THR B 163 2.12 -10.57 -24.01
C THR B 163 3.02 -11.54 -23.27
N VAL B 164 3.20 -11.32 -21.97
CA VAL B 164 3.99 -12.16 -21.07
C VAL B 164 3.02 -13.13 -20.41
N ASP B 165 3.11 -14.42 -20.75
CA ASP B 165 2.04 -15.32 -20.29
C ASP B 165 2.25 -15.87 -18.87
N PHE B 166 3.48 -16.19 -18.46
CA PHE B 166 3.72 -16.52 -17.05
C PHE B 166 3.41 -15.30 -16.16
N GLN B 167 3.14 -15.55 -14.88
CA GLN B 167 2.51 -14.52 -14.06
C GLN B 167 3.49 -13.68 -13.24
N GLU B 168 4.38 -14.32 -12.48
CA GLU B 168 5.25 -13.59 -11.53
C GLU B 168 6.70 -13.88 -11.85
N PHE B 169 7.53 -12.83 -11.97
CA PHE B 169 8.95 -12.96 -12.19
C PHE B 169 9.61 -12.30 -11.01
N MET B 170 10.22 -13.11 -10.12
CA MET B 170 10.66 -12.61 -8.81
C MET B 170 12.17 -12.68 -8.68
N ILE B 171 12.72 -11.80 -7.86
CA ILE B 171 14.10 -11.89 -7.44
C ILE B 171 14.15 -12.42 -6.00
N MET B 172 15.23 -13.14 -5.70
CA MET B 172 15.44 -13.74 -4.38
C MET B 172 16.89 -13.51 -3.97
N PRO B 173 17.15 -12.65 -3.00
CA PRO B 173 18.56 -12.23 -2.76
C PRO B 173 19.32 -13.23 -1.90
N VAL B 174 19.66 -14.35 -2.53
CA VAL B 174 20.24 -15.50 -1.82
C VAL B 174 21.58 -15.18 -1.20
N GLY B 175 22.31 -14.21 -1.76
CA GLY B 175 23.61 -13.87 -1.16
C GLY B 175 23.54 -13.05 0.13
N ALA B 176 22.37 -12.58 0.51
CA ALA B 176 22.25 -11.77 1.72
C ALA B 176 22.60 -12.56 2.98
N LYS B 177 23.12 -11.86 3.99
CA LYS B 177 23.45 -12.48 5.28
C LYS B 177 22.53 -12.03 6.40
N SER B 178 21.59 -11.15 6.11
CA SER B 178 20.54 -10.75 7.06
C SER B 178 19.33 -10.36 6.26
N LEU B 179 18.16 -10.32 6.92
CA LEU B 179 16.97 -9.79 6.25
C LEU B 179 17.17 -8.33 5.83
N ARG B 180 17.77 -7.51 6.69
CA ARG B 180 18.03 -6.12 6.33
C ARG B 180 18.85 -6.03 5.04
N GLU B 181 19.94 -6.80 4.97
CA GLU B 181 20.73 -6.82 3.71
C GLU B 181 19.92 -7.34 2.54
N ALA B 182 19.06 -8.33 2.78
CA ALA B 182 18.21 -8.81 1.69
C ALA B 182 17.34 -7.69 1.13
N LEU B 183 16.78 -6.86 2.01
CA LEU B 183 15.93 -5.77 1.54
C LEU B 183 16.75 -4.69 0.84
N GLN B 184 17.99 -4.45 1.30
CA GLN B 184 18.84 -3.48 0.60
C GLN B 184 19.14 -3.93 -0.83
N MET B 185 19.49 -5.22 -0.98
CA MET B 185 19.73 -5.80 -2.28
C MET B 185 18.48 -5.66 -3.16
N ALA B 186 17.32 -6.03 -2.62
CA ALA B 186 16.09 -5.95 -3.40
C ALA B 186 15.75 -4.50 -3.76
N ASN B 187 15.97 -3.56 -2.83
CA ASN B 187 15.76 -2.13 -3.12
C ASN B 187 16.63 -1.68 -4.30
N LYS B 188 17.90 -2.09 -4.32
CA LYS B 188 18.77 -1.59 -5.38
C LYS B 188 18.39 -2.19 -6.72
N VAL B 189 17.99 -3.46 -6.73
CA VAL B 189 17.56 -4.07 -7.98
C VAL B 189 16.25 -3.42 -8.47
N PHE B 190 15.27 -3.27 -7.58
CA PHE B 190 13.98 -2.69 -7.96
C PHE B 190 14.10 -1.32 -8.58
N HIS B 191 14.87 -0.42 -7.95
CA HIS B 191 14.90 0.95 -8.49
C HIS B 191 15.76 1.02 -9.75
N ASN B 192 16.75 0.15 -9.88
CA ASN B 192 17.47 0.09 -11.15
C ASN B 192 16.64 -0.50 -12.26
N LEU B 193 15.76 -1.46 -11.93
CA LEU B 193 14.84 -2.00 -12.94
C LEU B 193 13.91 -0.90 -13.43
N ALA B 194 13.32 -0.13 -12.51
CA ALA B 194 12.48 0.99 -12.93
C ALA B 194 13.23 1.89 -13.92
N LYS B 195 14.49 2.17 -13.63
CA LYS B 195 15.27 3.06 -14.49
C LYS B 195 15.55 2.45 -15.86
N LEU B 196 15.79 1.12 -15.92
CA LEU B 196 15.99 0.48 -17.22
C LEU B 196 14.71 0.49 -18.06
N LEU B 197 13.58 0.17 -17.43
CA LEU B 197 12.31 0.19 -18.15
C LEU B 197 11.99 1.59 -18.66
N LYS B 198 12.20 2.62 -17.83
CA LYS B 198 11.88 3.97 -18.28
C LYS B 198 12.75 4.36 -19.46
N LYS B 199 14.03 3.98 -19.40
CA LYS B 199 14.94 4.31 -20.50
C LYS B 199 14.54 3.63 -21.81
N ALA B 200 13.99 2.42 -21.73
CA ALA B 200 13.50 1.66 -22.88
C ALA B 200 12.15 2.15 -23.40
N GLY B 201 11.49 3.08 -22.74
CA GLY B 201 10.19 3.54 -23.21
C GLY B 201 9.01 2.87 -22.57
N TYR B 202 9.22 1.98 -21.61
CA TYR B 202 8.14 1.28 -20.93
C TYR B 202 7.64 2.07 -19.73
N GLY B 203 6.42 1.74 -19.30
CA GLY B 203 5.82 2.41 -18.15
C GLY B 203 6.27 1.78 -16.86
N THR B 204 6.24 2.58 -15.78
CA THR B 204 6.64 2.10 -14.46
C THR B 204 5.57 2.37 -13.39
N GLN B 205 4.28 2.42 -13.79
CA GLN B 205 3.25 2.25 -12.78
C GLN B 205 3.20 0.78 -12.33
N VAL B 206 2.47 0.51 -11.23
CA VAL B 206 2.58 -0.81 -10.62
C VAL B 206 1.24 -1.51 -10.55
N GLY B 207 1.35 -2.84 -10.42
CA GLY B 207 0.21 -3.71 -10.24
C GLY B 207 -0.11 -3.91 -8.75
N ASP B 208 -1.01 -4.87 -8.53
CA ASP B 208 -1.52 -5.13 -7.17
C ASP B 208 -0.41 -5.41 -6.15
N GLU B 209 0.69 -6.08 -6.56
CA GLU B 209 1.76 -6.48 -5.65
C GLU B 209 2.98 -5.55 -5.71
N GLY B 210 2.85 -4.41 -6.37
CA GLY B 210 3.90 -3.41 -6.29
C GLY B 210 5.00 -3.54 -7.31
N GLY B 211 4.85 -4.46 -8.26
CA GLY B 211 5.81 -4.66 -9.33
C GLY B 211 5.30 -4.08 -10.65
N PHE B 212 6.17 -4.13 -11.68
CA PHE B 212 5.88 -3.55 -12.99
C PHE B 212 5.38 -4.60 -13.98
N ALA B 213 4.42 -4.20 -14.84
CA ALA B 213 4.00 -5.00 -16.01
C ALA B 213 4.28 -4.21 -17.29
N PRO B 214 5.55 -4.05 -17.64
CA PRO B 214 5.89 -3.34 -18.88
C PRO B 214 5.41 -4.14 -20.09
N ASN B 215 5.33 -3.45 -21.23
CA ASN B 215 4.81 -4.08 -22.44
C ASN B 215 5.89 -4.94 -23.13
N CYS B 216 6.58 -5.77 -22.36
CA CYS B 216 7.53 -6.73 -22.91
C CYS B 216 6.82 -7.78 -23.76
N LYS B 217 7.56 -8.36 -24.70
CA LYS B 217 6.94 -9.24 -25.67
C LYS B 217 7.05 -10.72 -25.30
N SER B 218 8.00 -11.10 -24.44
CA SER B 218 8.22 -12.53 -24.20
C SER B 218 8.76 -12.78 -22.80
N HIS B 219 8.65 -14.04 -22.37
CA HIS B 219 9.30 -14.44 -21.11
C HIS B 219 10.78 -14.11 -21.13
N GLU B 220 11.44 -14.32 -22.28
CA GLU B 220 12.88 -14.14 -22.32
C GLU B 220 13.25 -12.66 -22.18
N GLU B 221 12.45 -11.76 -22.79
CA GLU B 221 12.73 -10.34 -22.60
C GLU B 221 12.61 -9.94 -21.13
N VAL B 222 11.59 -10.47 -20.43
CA VAL B 222 11.39 -10.14 -19.02
C VAL B 222 12.58 -10.66 -18.19
N LEU B 223 12.98 -11.90 -18.43
CA LEU B 223 14.09 -12.46 -17.66
C LEU B 223 15.39 -11.70 -17.95
N ASP B 224 15.56 -11.26 -19.18
CA ASP B 224 16.75 -10.48 -19.55
C ASP B 224 16.81 -9.16 -18.78
N TYR B 225 15.64 -8.49 -18.61
CA TYR B 225 15.62 -7.30 -17.76
C TYR B 225 15.99 -7.62 -16.32
N LEU B 226 15.54 -8.76 -15.78
CA LEU B 226 15.87 -9.03 -14.38
C LEU B 226 17.36 -9.22 -14.23
N VAL B 227 17.98 -9.94 -15.18
CA VAL B 227 19.41 -10.16 -15.14
C VAL B 227 20.16 -8.84 -15.27
N GLU B 228 19.69 -7.97 -16.18
CA GLU B 228 20.39 -6.71 -16.34
C GLU B 228 20.25 -5.82 -15.11
N ALA B 229 19.06 -5.81 -14.48
CA ALA B 229 18.90 -4.97 -13.29
C ALA B 229 19.77 -5.46 -12.15
N ILE B 230 19.87 -6.78 -12.00
CA ILE B 230 20.76 -7.36 -10.98
C ILE B 230 22.20 -6.91 -11.20
N LYS B 231 22.69 -6.99 -12.45
CA LYS B 231 24.06 -6.57 -12.77
C LYS B 231 24.27 -5.06 -12.55
N VAL B 232 23.33 -4.24 -13.03
CA VAL B 232 23.52 -2.80 -12.90
C VAL B 232 23.49 -2.39 -11.43
N ALA B 233 22.70 -3.08 -10.63
CA ALA B 233 22.71 -2.85 -9.18
C ALA B 233 24.00 -3.26 -8.49
N GLY B 234 24.91 -3.98 -9.15
CA GLY B 234 26.16 -4.38 -8.55
C GLY B 234 26.25 -5.80 -8.04
N TYR B 235 25.27 -6.64 -8.37
CA TYR B 235 25.14 -7.98 -7.82
C TYR B 235 25.37 -8.99 -8.94
N THR B 236 25.39 -10.27 -8.55
CA THR B 236 25.67 -11.36 -9.49
C THR B 236 24.44 -12.22 -9.72
N PRO B 237 23.97 -12.42 -10.98
CA PRO B 237 22.80 -13.31 -11.18
C PRO B 237 23.25 -14.76 -10.99
N ALA B 238 22.82 -15.41 -9.91
CA ALA B 238 23.34 -16.74 -9.56
C ALA B 238 22.45 -17.30 -8.45
N THR B 239 22.43 -18.63 -8.32
CA THR B 239 21.58 -19.26 -7.29
C THR B 239 22.27 -19.45 -5.95
N SER B 240 23.56 -19.11 -5.85
CA SER B 240 24.24 -19.12 -4.57
C SER B 240 25.50 -18.29 -4.71
N GLY B 241 26.09 -17.96 -3.57
CA GLY B 241 27.40 -17.34 -3.55
C GLY B 241 27.33 -15.89 -3.13
N LYS B 242 28.53 -15.34 -2.97
CA LYS B 242 28.69 -13.95 -2.58
C LYS B 242 27.97 -13.04 -3.57
N ASN B 243 27.19 -12.12 -3.03
CA ASN B 243 26.50 -11.08 -3.80
C ASN B 243 25.51 -11.65 -4.82
N ALA B 244 25.04 -12.89 -4.61
CA ALA B 244 24.15 -13.52 -5.59
C ALA B 244 22.70 -13.10 -5.41
N ILE B 245 22.03 -12.92 -6.53
CA ILE B 245 20.57 -12.74 -6.55
C ILE B 245 20.02 -13.74 -7.57
N ALA B 246 19.08 -14.57 -7.13
CA ALA B 246 18.49 -15.59 -7.98
C ALA B 246 17.13 -15.12 -8.46
N ILE B 247 16.54 -15.91 -9.35
CA ILE B 247 15.21 -15.63 -9.90
C ILE B 247 14.24 -16.71 -9.46
N ALA B 248 13.02 -16.32 -9.08
CA ALA B 248 11.94 -17.28 -8.84
C ALA B 248 10.78 -16.98 -9.78
N LEU B 249 10.12 -18.03 -10.27
CA LEU B 249 8.94 -17.86 -11.13
C LEU B 249 7.67 -18.35 -10.47
N ASP B 250 6.54 -17.66 -10.77
CA ASP B 250 5.20 -18.25 -10.68
C ASP B 250 4.69 -18.30 -12.09
N ALA B 251 4.66 -19.50 -12.68
CA ALA B 251 4.19 -19.60 -14.06
C ALA B 251 2.67 -19.54 -14.14
N ALA B 252 2.00 -19.94 -13.07
CA ALA B 252 0.54 -19.95 -12.98
C ALA B 252 -0.08 -20.70 -14.16
N CYS B 253 0.44 -21.90 -14.40
CA CYS B 253 0.16 -22.57 -15.66
C CYS B 253 -1.25 -23.16 -15.72
N SER B 254 -1.99 -23.20 -14.61
CA SER B 254 -3.41 -23.55 -14.73
C SER B 254 -4.12 -22.62 -15.70
N GLU B 255 -3.70 -21.34 -15.73
CA GLU B 255 -4.29 -20.35 -16.62
C GLU B 255 -3.98 -20.62 -18.08
N LEU B 256 -2.90 -21.36 -18.38
CA LEU B 256 -2.51 -21.60 -19.77
C LEU B 256 -2.92 -22.95 -20.33
N TYR B 257 -3.52 -23.81 -19.51
CA TYR B 257 -3.76 -25.21 -19.87
C TYR B 257 -5.18 -25.42 -20.43
N ASP B 258 -5.28 -26.37 -21.36
CA ASP B 258 -6.54 -26.89 -21.89
C ASP B 258 -6.67 -28.34 -21.47
N GLU B 259 -7.68 -28.65 -20.65
CA GLU B 259 -7.80 -29.99 -20.10
C GLU B 259 -8.11 -31.04 -21.19
N ASN B 260 -8.69 -30.61 -22.32
CA ASN B 260 -9.11 -31.56 -23.35
C ASN B 260 -7.96 -31.90 -24.30
N SER B 261 -7.21 -30.88 -24.72
CA SER B 261 -6.05 -31.11 -25.56
C SER B 261 -4.83 -31.54 -24.74
N LYS B 262 -4.84 -31.25 -23.42
CA LYS B 262 -3.71 -31.48 -22.54
C LYS B 262 -2.49 -30.72 -23.02
N LYS B 263 -2.72 -29.57 -23.63
CA LYS B 263 -1.66 -28.68 -24.09
C LYS B 263 -1.69 -27.38 -23.31
N TYR B 264 -0.50 -26.81 -23.11
CA TYR B 264 -0.33 -25.49 -22.55
C TYR B 264 -0.03 -24.52 -23.68
N THR B 265 -0.64 -23.34 -23.64
CA THR B 265 -0.52 -22.37 -24.73
C THR B 265 -0.10 -21.01 -24.18
N PHE B 266 0.88 -20.38 -24.83
CA PHE B 266 1.26 -19.01 -24.47
C PHE B 266 0.25 -18.09 -25.18
N LYS B 267 -0.87 -17.89 -24.49
CA LYS B 267 -2.10 -17.38 -25.12
C LYS B 267 -1.94 -15.96 -25.65
N LYS B 268 -1.44 -15.04 -24.82
CA LYS B 268 -1.42 -13.64 -25.25
C LYS B 268 -0.40 -13.42 -26.35
N LEU B 269 0.73 -14.11 -26.27
CA LEU B 269 1.73 -13.99 -27.31
C LEU B 269 1.21 -14.59 -28.61
N LYS B 270 0.52 -15.73 -28.53
CA LYS B 270 -0.06 -16.34 -29.71
C LYS B 270 -1.05 -15.40 -30.40
N GLN B 271 -1.91 -14.75 -29.61
CA GLN B 271 -2.90 -13.84 -30.17
C GLN B 271 -2.22 -12.66 -30.87
N ALA B 272 -1.18 -12.09 -30.24
CA ALA B 272 -0.45 -10.99 -30.85
C ALA B 272 0.19 -11.40 -32.17
N ILE B 273 0.74 -12.61 -32.23
CA ILE B 273 1.36 -13.09 -33.47
C ILE B 273 0.29 -13.33 -34.54
N ALA B 274 -0.87 -13.87 -34.12
CA ALA B 274 -1.98 -14.10 -35.05
C ALA B 274 -2.45 -12.80 -35.67
N GLU B 275 -2.56 -11.74 -34.86
CA GLU B 275 -2.97 -10.43 -35.37
C GLU B 275 -1.90 -9.74 -36.18
N LYS B 276 -0.71 -10.34 -36.32
CA LYS B 276 0.42 -9.69 -36.97
C LYS B 276 0.65 -8.29 -36.41
N ARG B 277 0.70 -8.21 -35.07
CA ARG B 277 0.92 -6.95 -34.35
C ARG B 277 2.33 -6.42 -34.62
N SER B 278 2.49 -5.11 -34.43
CA SER B 278 3.59 -4.36 -35.04
C SER B 278 4.96 -4.97 -34.74
N GLY B 279 5.31 -5.09 -33.47
CA GLY B 279 6.65 -5.58 -33.20
C GLY B 279 6.85 -7.08 -33.17
N PHE B 280 5.88 -7.88 -33.64
CA PHE B 280 5.92 -9.33 -33.44
C PHE B 280 6.12 -10.10 -34.75
N GLU B 281 7.24 -9.86 -35.43
CA GLU B 281 7.58 -10.71 -36.56
C GLU B 281 8.87 -11.47 -36.36
N HIS B 282 9.80 -10.93 -35.56
CA HIS B 282 11.00 -11.68 -35.20
C HIS B 282 10.69 -12.85 -34.28
N LEU B 283 9.45 -12.94 -33.77
CA LEU B 283 9.00 -14.04 -32.94
C LEU B 283 8.02 -14.94 -33.69
N ASP B 284 8.18 -15.01 -35.01
CA ASP B 284 7.16 -15.66 -35.83
C ASP B 284 7.19 -17.18 -35.69
N ASN B 285 8.36 -17.77 -35.44
CA ASN B 285 8.47 -19.22 -35.32
C ASN B 285 8.76 -19.67 -33.89
N VAL B 286 8.49 -18.83 -32.90
CA VAL B 286 8.53 -19.28 -31.52
C VAL B 286 7.44 -20.32 -31.30
N LYS B 287 7.75 -21.34 -30.48
CA LYS B 287 6.78 -22.37 -30.12
C LYS B 287 5.78 -21.83 -29.11
N LEU B 288 4.49 -22.11 -29.34
CA LEU B 288 3.43 -21.51 -28.53
C LEU B 288 2.56 -22.52 -27.82
N GLU B 289 2.60 -23.79 -28.22
CA GLU B 289 1.74 -24.84 -27.70
C GLU B 289 2.65 -25.99 -27.27
N TYR B 290 2.42 -26.51 -26.07
CA TYR B 290 3.34 -27.41 -25.38
C TYR B 290 2.58 -28.56 -24.76
N THR B 291 3.01 -29.80 -25.01
CA THR B 291 2.63 -30.89 -24.13
C THR B 291 3.27 -30.69 -22.76
N THR B 292 2.85 -31.53 -21.80
CA THR B 292 3.47 -31.49 -20.47
C THR B 292 4.97 -31.72 -20.57
N ASP B 293 5.40 -32.70 -21.39
CA ASP B 293 6.84 -32.94 -21.47
C ASP B 293 7.56 -31.79 -22.18
N GLU B 294 6.94 -31.20 -23.21
CA GLU B 294 7.59 -30.07 -23.88
C GLU B 294 7.71 -28.86 -22.96
N LEU B 295 6.73 -28.65 -22.10
CA LEU B 295 6.82 -27.52 -21.18
C LEU B 295 7.90 -27.75 -20.13
N ILE B 296 8.02 -28.99 -19.65
CA ILE B 296 9.10 -29.32 -18.73
C ILE B 296 10.44 -29.09 -19.41
N GLU B 297 10.55 -29.45 -20.70
CA GLU B 297 11.76 -29.18 -21.48
C GLU B 297 12.02 -27.69 -21.60
N TYR B 298 10.97 -26.90 -21.82
CA TYR B 298 11.09 -25.45 -21.83
C TYR B 298 11.61 -24.92 -20.50
N PHE B 299 11.09 -25.44 -19.38
CA PHE B 299 11.63 -25.03 -18.09
C PHE B 299 13.09 -25.45 -17.95
N GLY B 300 13.45 -26.64 -18.43
CA GLY B 300 14.84 -27.04 -18.37
C GLY B 300 15.76 -26.08 -19.14
N LYS B 301 15.29 -25.58 -20.28
CA LYS B 301 16.12 -24.64 -21.02
C LYS B 301 16.28 -23.32 -20.26
N LEU B 302 15.20 -22.85 -19.64
CA LEU B 302 15.27 -21.62 -18.84
C LEU B 302 16.19 -21.80 -17.64
N ILE B 303 16.12 -22.96 -16.97
CA ILE B 303 16.99 -23.26 -15.85
C ILE B 303 18.46 -23.24 -16.27
N ASP B 304 18.76 -23.74 -17.48
CA ASP B 304 20.14 -23.73 -18.00
C ASP B 304 20.63 -22.31 -18.22
N LYS B 305 19.76 -21.43 -18.71
CA LYS B 305 20.12 -20.09 -19.19
C LYS B 305 20.10 -19.03 -18.10
N TYR B 306 19.25 -19.18 -17.10
CA TYR B 306 19.00 -18.13 -16.13
C TYR B 306 19.17 -18.71 -14.74
N PRO B 307 19.48 -17.86 -13.72
CA PRO B 307 19.67 -18.37 -12.35
C PRO B 307 18.34 -18.63 -11.64
N ILE B 308 17.54 -19.55 -12.19
CA ILE B 308 16.23 -19.86 -11.61
C ILE B 308 16.41 -20.86 -10.49
N ILE B 309 15.93 -20.49 -9.29
CA ILE B 309 16.05 -21.32 -8.10
C ILE B 309 14.70 -21.89 -7.68
N SER B 310 13.59 -21.38 -8.20
CA SER B 310 12.28 -21.83 -7.77
C SER B 310 11.28 -21.60 -8.89
N ILE B 311 10.37 -22.57 -9.08
CA ILE B 311 9.30 -22.44 -10.06
C ILE B 311 8.01 -22.88 -9.41
N GLU B 312 7.04 -21.96 -9.33
CA GLU B 312 5.74 -22.21 -8.71
C GLU B 312 4.71 -22.46 -9.81
N ASP B 313 3.87 -23.49 -9.62
CA ASP B 313 2.79 -23.87 -10.59
C ASP B 313 3.29 -23.94 -12.03
N GLY B 314 4.40 -24.65 -12.23
CA GLY B 314 4.90 -24.88 -13.59
C GLY B 314 3.95 -25.71 -14.44
N LEU B 315 3.05 -26.44 -13.82
CA LEU B 315 2.05 -27.23 -14.53
C LEU B 315 0.70 -26.94 -13.91
N ALA B 316 -0.36 -27.42 -14.58
CA ALA B 316 -1.70 -27.08 -14.15
C ALA B 316 -2.09 -27.87 -12.90
N GLU B 317 -3.10 -27.36 -12.18
CA GLU B 317 -3.53 -27.95 -10.92
C GLU B 317 -4.08 -29.36 -11.11
N SER B 318 -4.47 -29.74 -12.31
CA SER B 318 -4.93 -31.10 -12.53
C SER B 318 -3.83 -32.03 -13.05
N ASP B 319 -2.64 -31.50 -13.30
CA ASP B 319 -1.57 -32.26 -13.95
C ASP B 319 -0.64 -32.86 -12.90
N TRP B 320 -1.21 -33.77 -12.09
CA TRP B 320 -0.46 -34.41 -11.01
C TRP B 320 0.71 -35.19 -11.55
N GLU B 321 0.48 -35.98 -12.62
CA GLU B 321 1.60 -36.70 -13.22
C GLU B 321 2.68 -35.74 -13.69
N GLY B 322 2.29 -34.60 -14.27
CA GLY B 322 3.29 -33.67 -14.76
C GLY B 322 4.11 -33.09 -13.62
N PHE B 323 3.45 -32.71 -12.52
CA PHE B 323 4.19 -32.18 -11.37
C PHE B 323 5.23 -33.18 -10.86
N ALA B 324 4.84 -34.45 -10.72
CA ALA B 324 5.80 -35.40 -10.19
C ALA B 324 6.96 -35.62 -11.16
N LYS B 325 6.70 -35.58 -12.48
CA LYS B 325 7.79 -35.67 -13.45
C LYS B 325 8.73 -34.48 -13.34
N MET B 326 8.16 -33.27 -13.18
CA MET B 326 8.99 -32.07 -13.09
C MET B 326 9.84 -32.12 -11.83
N THR B 327 9.26 -32.59 -10.72
CA THR B 327 9.98 -32.64 -9.45
C THR B 327 11.07 -33.72 -9.49
N ALA B 328 10.77 -34.87 -10.12
CA ALA B 328 11.79 -35.90 -10.32
C ALA B 328 12.95 -35.39 -11.19
N LYS B 329 12.64 -34.61 -12.22
CA LYS B 329 13.69 -34.19 -13.16
C LYS B 329 14.57 -33.05 -12.62
N PHE B 330 13.96 -32.04 -11.97
CA PHE B 330 14.65 -30.83 -11.59
C PHE B 330 14.79 -30.61 -10.08
N GLY B 331 14.15 -31.43 -9.24
CA GLY B 331 14.02 -31.11 -7.81
C GLY B 331 15.29 -31.28 -7.01
N SER B 332 16.34 -31.84 -7.59
CA SER B 332 17.59 -31.84 -6.85
C SER B 332 18.38 -30.56 -7.03
N LYS B 333 17.92 -29.68 -7.90
CA LYS B 333 18.56 -28.40 -8.13
C LYS B 333 17.64 -27.20 -7.98
N VAL B 334 16.31 -27.37 -8.11
CA VAL B 334 15.36 -26.26 -8.25
C VAL B 334 14.21 -26.55 -7.32
N GLN B 335 13.74 -25.53 -6.59
CA GLN B 335 12.50 -25.67 -5.81
C GLN B 335 11.29 -25.71 -6.74
N ILE B 336 10.36 -26.63 -6.46
CA ILE B 336 9.12 -26.80 -7.22
C ILE B 336 7.99 -26.55 -6.23
N VAL B 337 7.23 -25.46 -6.41
CA VAL B 337 6.24 -24.98 -5.44
C VAL B 337 4.83 -25.26 -5.97
N GLY B 338 3.97 -25.78 -5.11
CA GLY B 338 2.54 -25.90 -5.42
C GLY B 338 1.79 -24.72 -4.83
N ASP B 339 0.92 -24.09 -5.65
CA ASP B 339 0.03 -23.00 -5.21
C ASP B 339 -1.38 -23.46 -5.54
N ASP B 340 -1.80 -23.30 -6.82
CA ASP B 340 -3.10 -23.81 -7.25
C ASP B 340 -3.17 -25.32 -7.14
N LEU B 341 -2.03 -26.02 -7.19
CA LEU B 341 -2.05 -27.49 -7.05
C LEU B 341 -2.62 -27.93 -5.70
N THR B 342 -2.32 -27.19 -4.61
CA THR B 342 -2.62 -27.69 -3.29
C THR B 342 -3.54 -26.77 -2.50
N VAL B 343 -3.65 -25.49 -2.89
CA VAL B 343 -4.49 -24.45 -2.25
C VAL B 343 -4.55 -24.58 -0.73
N THR B 344 -3.37 -24.77 -0.09
CA THR B 344 -3.20 -24.88 1.38
C THR B 344 -4.19 -25.89 1.97
N ASN B 345 -4.55 -26.94 1.17
CA ASN B 345 -5.60 -27.89 1.57
C ASN B 345 -4.98 -29.14 2.19
N PRO B 346 -5.42 -29.57 3.38
CA PRO B 346 -4.74 -30.72 4.04
C PRO B 346 -4.69 -31.98 3.20
N LYS B 347 -5.79 -32.30 2.51
CA LYS B 347 -5.83 -33.55 1.75
C LYS B 347 -4.96 -33.47 0.51
N LEU B 348 -4.92 -32.31 -0.17
CA LEU B 348 -4.04 -32.18 -1.32
C LEU B 348 -2.57 -32.17 -0.89
N LEU B 349 -2.25 -31.61 0.30
CA LEU B 349 -0.86 -31.70 0.79
C LEU B 349 -0.46 -33.15 1.05
N GLU B 350 -1.36 -33.94 1.65
CA GLU B 350 -1.06 -35.34 1.87
C GLU B 350 -0.80 -36.08 0.55
N LYS B 351 -1.58 -35.76 -0.49
CA LYS B 351 -1.36 -36.39 -1.79
C LYS B 351 -0.02 -35.94 -2.39
N ALA B 352 0.30 -34.65 -2.32
CA ALA B 352 1.58 -34.19 -2.86
C ALA B 352 2.77 -34.83 -2.15
N ILE B 353 2.69 -35.02 -0.83
CA ILE B 353 3.75 -35.72 -0.11
C ILE B 353 3.87 -37.16 -0.60
N GLU B 354 2.73 -37.84 -0.73
CA GLU B 354 2.71 -39.25 -1.14
C GLU B 354 3.26 -39.43 -2.56
N GLN B 355 2.90 -38.53 -3.46
CA GLN B 355 3.27 -38.68 -4.86
C GLN B 355 4.56 -37.97 -5.21
N LYS B 356 5.21 -37.32 -4.22
CA LYS B 356 6.37 -36.46 -4.45
C LYS B 356 6.08 -35.49 -5.59
N SER B 357 4.96 -34.78 -5.47
CA SER B 357 4.54 -33.89 -6.55
C SER B 357 5.36 -32.63 -6.61
N MET B 358 6.00 -32.26 -5.50
CA MET B 358 6.61 -30.97 -5.38
C MET B 358 7.58 -31.04 -4.20
N ASN B 359 8.40 -29.99 -4.02
CA ASN B 359 9.19 -29.97 -2.78
C ASN B 359 8.99 -28.71 -1.94
N ALA B 360 7.94 -27.97 -2.21
CA ALA B 360 7.60 -26.79 -1.43
C ALA B 360 6.13 -26.48 -1.66
N ILE B 361 5.54 -25.78 -0.68
CA ILE B 361 4.11 -25.44 -0.75
C ILE B 361 3.95 -23.96 -0.38
N LEU B 362 3.06 -23.26 -1.09
CA LEU B 362 2.70 -21.91 -0.64
C LEU B 362 1.69 -22.03 0.50
N ILE B 363 1.86 -21.21 1.54
CA ILE B 363 0.97 -21.24 2.71
C ILE B 363 0.12 -19.96 2.71
N LYS B 364 -1.16 -20.12 2.46
CA LYS B 364 -2.13 -19.00 2.46
C LYS B 364 -3.14 -19.24 3.57
N LEU B 365 -2.96 -18.50 4.68
CA LEU B 365 -3.91 -18.60 5.80
C LEU B 365 -5.38 -18.65 5.38
N ASN B 366 -5.81 -17.74 4.50
CA ASN B 366 -7.24 -17.67 4.23
C ASN B 366 -7.71 -18.72 3.22
N GLN B 367 -6.80 -19.48 2.61
CA GLN B 367 -7.23 -20.62 1.79
C GLN B 367 -7.67 -21.80 2.61
N ILE B 368 -7.16 -21.94 3.83
CA ILE B 368 -7.63 -23.00 4.69
C ILE B 368 -8.55 -22.49 5.81
N GLY B 369 -8.31 -21.27 6.34
CA GLY B 369 -9.37 -20.58 7.07
C GLY B 369 -9.20 -20.53 8.59
N SER B 370 -8.17 -21.18 9.15
CA SER B 370 -7.96 -21.05 10.59
C SER B 370 -6.46 -21.13 10.85
N LEU B 371 -6.03 -20.51 11.96
CA LEU B 371 -4.62 -20.62 12.31
C LEU B 371 -4.24 -22.05 12.69
N SER B 372 -5.07 -22.75 13.47
CA SER B 372 -4.72 -24.12 13.86
C SER B 372 -4.50 -25.01 12.63
N GLU B 373 -5.37 -24.92 11.63
CA GLU B 373 -5.18 -25.77 10.47
C GLU B 373 -3.93 -25.37 9.70
N THR B 374 -3.64 -24.07 9.67
CA THR B 374 -2.41 -23.59 9.03
C THR B 374 -1.18 -24.13 9.75
N MET B 375 -1.17 -24.08 11.09
CA MET B 375 -0.04 -24.64 11.83
C MET B 375 0.10 -26.15 11.54
N ASP B 376 -1.01 -26.90 11.51
CA ASP B 376 -0.94 -28.32 11.20
C ASP B 376 -0.31 -28.54 9.82
N ALA B 377 -0.66 -27.69 8.84
CA ALA B 377 -0.13 -27.87 7.49
C ALA B 377 1.35 -27.57 7.44
N ILE B 378 1.78 -26.55 8.17
CA ILE B 378 3.20 -26.23 8.18
C ILE B 378 3.99 -27.35 8.86
N ASN B 379 3.49 -27.82 10.01
CA ASN B 379 4.15 -28.93 10.72
C ASN B 379 4.33 -30.13 9.80
N LYS B 380 3.26 -30.49 9.10
CA LYS B 380 3.28 -31.68 8.25
C LYS B 380 4.21 -31.52 7.05
N ALA B 381 4.12 -30.39 6.36
CA ALA B 381 5.00 -30.13 5.21
C ALA B 381 6.47 -30.11 5.60
N GLN B 382 6.82 -29.39 6.67
CA GLN B 382 8.22 -29.33 7.11
C GLN B 382 8.75 -30.73 7.47
N LYS B 383 7.94 -31.55 8.14
CA LYS B 383 8.40 -32.90 8.48
C LYS B 383 8.57 -33.79 7.24
N ALA B 384 7.92 -33.43 6.13
CA ALA B 384 8.06 -34.11 4.86
C ALA B 384 9.18 -33.53 3.99
N ASN B 385 10.04 -32.69 4.57
CA ASN B 385 11.21 -32.09 3.88
C ASN B 385 10.76 -31.13 2.77
N MET B 386 9.56 -30.56 2.91
CA MET B 386 9.10 -29.50 2.05
C MET B 386 9.35 -28.12 2.68
N ALA B 387 9.70 -27.16 1.85
CA ALA B 387 9.71 -25.76 2.29
C ALA B 387 8.31 -25.18 2.32
N CYS B 388 8.02 -24.33 3.33
CA CYS B 388 6.73 -23.64 3.44
C CYS B 388 6.96 -22.17 3.11
N VAL B 389 6.51 -21.74 1.93
CA VAL B 389 6.67 -20.35 1.50
C VAL B 389 5.42 -19.62 1.98
N VAL B 390 5.52 -18.88 3.10
CA VAL B 390 4.34 -18.18 3.62
C VAL B 390 3.98 -17.05 2.67
N SER B 391 2.71 -16.94 2.27
CA SER B 391 2.34 -16.06 1.13
C SER B 391 1.31 -14.99 1.49
N HIS B 392 1.45 -13.82 0.83
CA HIS B 392 0.39 -12.80 0.78
C HIS B 392 -0.74 -13.25 -0.13
N ARG B 393 -1.80 -12.43 -0.20
CA ARG B 393 -2.74 -12.49 -1.30
C ARG B 393 -2.67 -11.21 -2.11
N SER B 394 -3.28 -11.23 -3.31
CA SER B 394 -3.40 -9.99 -4.11
C SER B 394 -4.02 -8.83 -3.33
N GLY B 395 -5.08 -9.09 -2.58
CA GLY B 395 -5.70 -8.09 -1.76
C GLY B 395 -5.17 -8.19 -0.35
N GLU B 396 -4.35 -7.22 0.02
CA GLU B 396 -3.71 -7.25 1.35
C GLU B 396 -4.21 -6.09 2.19
N THR B 397 -3.74 -6.04 3.45
CA THR B 397 -4.04 -4.93 4.33
C THR B 397 -2.77 -4.57 5.10
N GLU B 398 -2.90 -3.62 6.03
CA GLU B 398 -1.82 -3.23 6.94
C GLU B 398 -1.49 -4.32 7.97
N ASP B 399 -2.25 -5.42 8.00
CA ASP B 399 -1.94 -6.55 8.88
C ASP B 399 -0.65 -7.23 8.47
N THR B 400 0.20 -7.59 9.46
CA THR B 400 1.51 -8.18 9.15
C THR B 400 1.66 -9.58 9.73
N THR B 401 0.54 -10.25 10.03
CA THR B 401 0.64 -11.58 10.64
C THR B 401 1.59 -12.52 9.89
N ILE B 402 1.63 -12.47 8.56
CA ILE B 402 2.42 -13.47 7.83
C ILE B 402 3.91 -13.30 8.11
N ALA B 403 4.35 -12.09 8.47
CA ALA B 403 5.75 -11.93 8.87
C ALA B 403 6.03 -12.75 10.13
N ASP B 404 5.20 -12.59 11.17
CA ASP B 404 5.40 -13.38 12.36
C ASP B 404 5.24 -14.87 12.10
N LEU B 405 4.32 -15.25 11.20
CA LEU B 405 4.12 -16.69 10.92
C LEU B 405 5.37 -17.30 10.30
N ALA B 406 6.04 -16.59 9.38
CA ALA B 406 7.26 -17.14 8.76
C ALA B 406 8.37 -17.31 9.81
N VAL B 407 8.50 -16.37 10.74
CA VAL B 407 9.53 -16.52 11.76
C VAL B 407 9.14 -17.60 12.77
N ALA B 408 7.86 -17.67 13.11
CA ALA B 408 7.37 -18.62 14.11
C ALA B 408 7.81 -20.06 13.81
N PHE B 409 7.71 -20.48 12.53
CA PHE B 409 8.06 -21.83 12.10
C PHE B 409 9.38 -21.88 11.35
N ASN B 410 10.24 -20.86 11.55
CA ASN B 410 11.56 -20.81 10.93
C ASN B 410 11.49 -21.24 9.48
N THR B 411 10.51 -20.69 8.73
CA THR B 411 10.24 -21.33 7.43
C THR B 411 11.35 -21.11 6.43
N GLY B 412 12.04 -20.01 6.55
CA GLY B 412 13.15 -19.72 5.68
C GLY B 412 12.77 -18.96 4.41
N GLN B 413 11.48 -18.84 4.12
CA GLN B 413 11.05 -18.18 2.88
C GLN B 413 9.71 -17.50 3.12
N ILE B 414 9.52 -16.38 2.41
CA ILE B 414 8.24 -15.66 2.40
C ILE B 414 8.04 -15.08 0.99
N LYS B 415 6.77 -14.92 0.58
CA LYS B 415 6.43 -14.29 -0.69
C LYS B 415 5.39 -13.23 -0.32
N THR B 416 5.80 -11.95 -0.28
CA THR B 416 4.87 -10.91 0.18
C THR B 416 5.07 -9.61 -0.60
N GLY B 417 5.58 -9.70 -1.84
CA GLY B 417 5.37 -8.61 -2.79
C GLY B 417 6.66 -7.98 -3.25
N SER B 418 6.48 -7.02 -4.15
CA SER B 418 7.58 -6.23 -4.67
C SER B 418 8.03 -5.20 -3.62
N MET B 419 8.96 -4.31 -3.99
CA MET B 419 9.47 -3.25 -3.12
C MET B 419 8.69 -1.95 -3.25
N SER B 420 7.37 -2.04 -3.46
CA SER B 420 6.54 -0.83 -3.32
C SER B 420 5.16 -1.27 -2.86
N ARG B 421 4.43 -0.30 -2.31
CA ARG B 421 3.09 -0.39 -1.74
C ARG B 421 3.16 -0.87 -0.29
N THR B 422 2.53 -0.14 0.63
CA THR B 422 2.58 -0.50 2.04
C THR B 422 1.89 -1.84 2.32
N ASP B 423 0.95 -2.27 1.44
CA ASP B 423 0.38 -3.61 1.63
C ASP B 423 1.44 -4.71 1.54
N ARG B 424 2.56 -4.43 0.88
CA ARG B 424 3.72 -5.31 0.87
C ARG B 424 4.78 -4.85 1.87
N ILE B 425 5.14 -3.57 1.80
CA ILE B 425 6.25 -3.05 2.60
C ILE B 425 6.00 -3.19 4.11
N ALA B 426 4.74 -3.12 4.55
CA ALA B 426 4.46 -3.28 5.98
C ALA B 426 4.98 -4.62 6.52
N LYS B 427 4.91 -5.70 5.71
CA LYS B 427 5.46 -6.98 6.16
C LYS B 427 6.96 -6.90 6.28
N TYR B 428 7.61 -6.24 5.31
CA TYR B 428 9.07 -6.13 5.39
C TYR B 428 9.47 -5.31 6.60
N ASN B 429 8.73 -4.23 6.89
CA ASN B 429 9.05 -3.46 8.12
C ASN B 429 8.89 -4.32 9.37
N ARG B 430 7.83 -5.15 9.41
CA ARG B 430 7.67 -6.01 10.60
C ARG B 430 8.86 -6.98 10.72
N LEU B 431 9.33 -7.53 9.59
CA LEU B 431 10.51 -8.40 9.62
C LEU B 431 11.75 -7.62 10.08
N LEU B 432 11.91 -6.38 9.61
CA LEU B 432 13.03 -5.58 10.13
C LEU B 432 12.99 -5.42 11.67
N VAL B 433 11.79 -5.17 12.23
CA VAL B 433 11.64 -5.00 13.67
C VAL B 433 11.91 -6.31 14.41
N ILE B 434 11.42 -7.45 13.85
CA ILE B 434 11.69 -8.74 14.47
C ILE B 434 13.20 -8.99 14.49
N GLU B 435 13.87 -8.73 13.36
CA GLU B 435 15.31 -9.01 13.33
C GLU B 435 16.03 -8.17 14.37
N GLU B 436 15.61 -6.90 14.51
CA GLU B 436 16.26 -6.03 15.50
C GLU B 436 16.05 -6.55 16.92
N GLU B 437 14.84 -7.00 17.21
CA GLU B 437 14.48 -7.42 18.57
C GLU B 437 15.20 -8.72 18.96
N LEU B 438 15.34 -9.65 18.00
CA LEU B 438 16.11 -10.88 18.22
C LEU B 438 17.59 -10.58 18.39
N GLY B 439 18.08 -9.63 17.64
CA GLY B 439 19.51 -9.31 17.79
C GLY B 439 20.39 -10.47 17.35
N GLU B 440 21.44 -10.76 18.15
CA GLU B 440 22.30 -11.90 17.79
C GLU B 440 21.62 -13.26 17.92
N GLN B 441 20.41 -13.33 18.50
CA GLN B 441 19.66 -14.58 18.54
C GLN B 441 19.09 -14.95 17.17
N SER B 442 19.03 -14.01 16.23
CA SER B 442 18.39 -14.26 14.94
C SER B 442 19.30 -15.11 14.04
N GLU B 443 18.69 -15.77 13.07
CA GLU B 443 19.42 -16.40 11.96
C GLU B 443 18.82 -15.97 10.63
N PHE B 444 19.66 -15.94 9.59
CA PHE B 444 19.17 -15.76 8.23
C PHE B 444 19.98 -16.65 7.34
N GLU B 445 19.31 -17.48 6.56
CA GLU B 445 19.99 -18.30 5.57
C GLU B 445 19.56 -17.81 4.19
N GLY B 446 20.52 -17.60 3.32
CA GLY B 446 20.22 -17.40 1.93
C GLY B 446 20.17 -18.78 1.31
N SER B 447 21.27 -19.18 0.68
CA SER B 447 21.32 -20.48 0.00
C SER B 447 20.89 -21.62 0.90
N LYS B 448 21.27 -21.58 2.18
CA LYS B 448 20.98 -22.74 3.02
C LYS B 448 19.54 -22.81 3.49
N ALA B 449 18.72 -21.80 3.13
CA ALA B 449 17.30 -21.89 3.41
C ALA B 449 16.64 -23.08 2.67
N PHE B 450 17.20 -23.51 1.54
CA PHE B 450 16.60 -24.55 0.68
C PHE B 450 16.98 -25.97 1.15
N TYR B 451 16.51 -26.31 2.35
CA TYR B 451 16.80 -27.62 2.90
C TYR B 451 16.02 -28.70 2.18
N ASN B 452 15.05 -28.28 1.35
CA ASN B 452 14.17 -29.16 0.59
C ASN B 452 14.76 -29.56 -0.75
N ILE B 453 15.82 -28.91 -1.20
CA ILE B 453 16.41 -29.23 -2.49
C ILE B 453 17.36 -30.39 -2.26
N LYS B 454 16.93 -31.58 -2.69
CA LYS B 454 17.61 -32.87 -2.55
C LYS B 454 19.13 -32.80 -2.75
#